data_1SLI
#
_entry.id   1SLI
#
_cell.length_a   46.443
_cell.length_b   69.516
_cell.length_c   72.514
_cell.angle_alpha   113.14
_cell.angle_beta   95.39
_cell.angle_gamma   106.87
#
_symmetry.space_group_name_H-M   'P 1'
#
loop_
_entity.id
_entity.type
_entity.pdbx_description
1 polymer 'INTRAMOLECULAR TRANS-SIALIDASE'
2 non-polymer '2-DEOXY-2,3-DEHYDRO-N-ACETYL-NEURAMINIC ACID'
3 water water
#
_entity_poly.entity_id   1
_entity_poly.type   'polypeptide(L)'
_entity_poly.pdbx_seq_one_letter_code
;IPEGILMEKNNVDIAEGQGYSLDQEAGAKYVKAMTQGTIILSYKSTSENGIQSLFSVGNSTAGNQDRHFHIYITNSGGIG
IELRNTDGVFNYTLDRPASVRALYKGERVFNTVALKADAANKQCRLFANGELLATLDKDAFKFISDITGVDNVTLGGTKR
QGKIAYPFGGTIGDIKVYSNALSDEELIQATGVTTYGENIFYAGDVTESNYFRIPSLLTLSTGTVISAADARYGGTHDSK
SKINIAFAKSTDGGNTWSEPTLPLKFDDYIAKNIDWPRDSVGKNVQIQGSASYIDPVLLEDKLTKRIFLFADLMPAGIGS
SNASVGSGFKEVNGKKYLKLRWHKDAGRAYDYTIREKGVIYNDATNQPTEFRVDGEYNLYQHDTNLTCKQYDYNFSGNNL
IESKTDVDVNMNIFYKNSVFKAFPTNYLAMRYSDDEGASWSDLDIVSSFKPEVSKFLVVGPGIGKQISTGENAGRLLVPL
YSKSSAELGFMYSDDHGDNWTYVEADNLTGGATAEAQIVEMPDGSLKTYLRTGSNCIAEVTSIDGGETWSDRVPLQGIST
TSYGTQLSVINYSQPIDGKPAIILSSPNATNGRKNGKIWIGLVNDTGNTGIDKYSVEWKYSYAVDTPQMGYSYSCLAELP
DGQVGLLYEKYDSWSRNELHLKDILKFEKYSISELTGQA
;
_entity_poly.pdbx_strand_id   A
#
loop_
_chem_comp.id
_chem_comp.type
_chem_comp.name
_chem_comp.formula
DAN D-saccharide '2-DEOXY-2,3-DEHYDRO-N-ACETYL-NEURAMINIC ACID' 'C11 H17 N O8'
#
# COMPACT_ATOMS: atom_id res chain seq x y z
N ILE A 1 -32.47 -8.09 -33.51
CA ILE A 1 -31.62 -8.55 -32.38
C ILE A 1 -32.50 -8.93 -31.18
N PRO A 2 -32.54 -10.23 -30.84
CA PRO A 2 -33.34 -10.74 -29.73
C PRO A 2 -32.85 -10.26 -28.36
N GLU A 3 -33.70 -10.41 -27.36
CA GLU A 3 -33.40 -10.01 -25.97
C GLU A 3 -32.79 -11.17 -25.21
N GLY A 4 -31.61 -10.97 -24.63
CA GLY A 4 -30.98 -12.03 -23.87
C GLY A 4 -29.64 -12.47 -24.41
N ILE A 5 -29.30 -13.74 -24.20
CA ILE A 5 -28.04 -14.31 -24.65
C ILE A 5 -28.00 -14.52 -26.17
N LEU A 6 -27.08 -13.83 -26.81
CA LEU A 6 -26.90 -13.92 -28.26
C LEU A 6 -25.89 -15.02 -28.60
N MET A 7 -25.01 -15.32 -27.66
CA MET A 7 -23.97 -16.30 -27.91
C MET A 7 -23.33 -16.79 -26.61
N GLU A 8 -22.94 -18.05 -26.58
CA GLU A 8 -22.27 -18.64 -25.42
C GLU A 8 -21.37 -19.79 -25.89
N LYS A 9 -20.17 -19.84 -25.32
CA LYS A 9 -19.19 -20.86 -25.66
C LYS A 9 -18.49 -21.26 -24.37
N ASN A 10 -18.10 -22.52 -24.27
CA ASN A 10 -17.43 -23.03 -23.06
C ASN A 10 -16.18 -23.84 -23.38
N ASN A 11 -15.23 -23.82 -22.45
CA ASN A 11 -13.98 -24.58 -22.55
C ASN A 11 -13.28 -24.53 -23.89
N VAL A 12 -12.84 -23.34 -24.29
CA VAL A 12 -12.15 -23.15 -25.55
C VAL A 12 -10.66 -22.92 -25.32
N ASP A 13 -9.82 -23.86 -25.76
CA ASP A 13 -8.37 -23.73 -25.61
C ASP A 13 -7.85 -23.00 -26.84
N ILE A 14 -7.06 -21.95 -26.61
CA ILE A 14 -6.52 -21.15 -27.70
C ILE A 14 -4.99 -21.15 -27.72
N ALA A 15 -4.43 -21.65 -28.81
CA ALA A 15 -2.99 -21.69 -29.00
C ALA A 15 -2.56 -20.25 -29.25
N GLU A 16 -1.52 -19.83 -28.54
CA GLU A 16 -0.97 -18.50 -28.63
C GLU A 16 -0.82 -18.06 -30.08
N GLY A 17 -1.44 -16.94 -30.44
CA GLY A 17 -1.34 -16.43 -31.79
C GLY A 17 -2.32 -16.97 -32.81
N GLN A 18 -3.09 -17.98 -32.43
CA GLN A 18 -4.06 -18.59 -33.34
C GLN A 18 -5.45 -17.97 -33.31
N GLY A 19 -5.89 -17.56 -32.13
CA GLY A 19 -7.23 -17.00 -32.02
C GLY A 19 -8.25 -18.12 -32.21
N TYR A 20 -9.54 -17.78 -32.21
CA TYR A 20 -10.62 -18.74 -32.39
C TYR A 20 -11.81 -18.01 -32.99
N SER A 21 -12.29 -18.49 -34.13
CA SER A 21 -13.41 -17.86 -34.82
C SER A 21 -14.79 -18.24 -34.31
N LEU A 22 -15.61 -17.23 -34.05
CA LEU A 22 -16.99 -17.44 -33.60
C LEU A 22 -17.95 -16.99 -34.70
N ASP A 23 -17.46 -16.92 -35.94
CA ASP A 23 -18.28 -16.50 -37.06
C ASP A 23 -19.40 -17.46 -37.47
N GLN A 24 -19.23 -18.75 -37.20
CA GLN A 24 -20.30 -19.69 -37.56
C GLN A 24 -21.33 -19.88 -36.44
N GLU A 25 -21.19 -19.18 -35.33
CA GLU A 25 -22.16 -19.28 -34.24
C GLU A 25 -23.50 -18.74 -34.72
N ALA A 26 -24.58 -19.41 -34.33
CA ALA A 26 -25.92 -19.02 -34.72
C ALA A 26 -26.20 -17.52 -34.52
N GLY A 27 -25.65 -16.97 -33.44
CA GLY A 27 -25.88 -15.56 -33.14
C GLY A 27 -24.86 -14.53 -33.61
N ALA A 28 -23.85 -14.97 -34.36
CA ALA A 28 -22.81 -14.06 -34.86
C ALA A 28 -23.40 -12.85 -35.58
N LYS A 29 -24.43 -13.06 -36.39
CA LYS A 29 -25.06 -11.94 -37.12
C LYS A 29 -25.59 -10.87 -36.17
N TYR A 30 -26.01 -11.29 -34.98
CA TYR A 30 -26.52 -10.35 -34.00
C TYR A 30 -25.38 -9.66 -33.27
N VAL A 31 -24.37 -10.44 -32.87
CA VAL A 31 -23.21 -9.90 -32.16
C VAL A 31 -22.48 -8.86 -33.02
N LYS A 32 -22.44 -9.08 -34.33
CA LYS A 32 -21.78 -8.15 -35.27
C LYS A 32 -22.52 -6.82 -35.44
N ALA A 33 -23.72 -6.70 -34.87
CA ALA A 33 -24.50 -5.47 -35.01
C ALA A 33 -25.03 -4.94 -33.68
N MET A 34 -24.46 -5.40 -32.57
CA MET A 34 -24.89 -4.95 -31.24
C MET A 34 -24.86 -3.44 -31.04
N THR A 35 -25.98 -2.89 -30.57
CA THR A 35 -26.09 -1.47 -30.29
C THR A 35 -25.68 -1.18 -28.83
N GLN A 36 -25.66 -2.23 -28.01
CA GLN A 36 -25.28 -2.16 -26.59
C GLN A 36 -25.22 -3.61 -26.10
N GLY A 37 -25.02 -3.83 -24.80
CA GLY A 37 -24.99 -5.19 -24.30
C GLY A 37 -24.03 -5.48 -23.17
N THR A 38 -23.84 -6.77 -22.89
CA THR A 38 -22.93 -7.19 -21.82
C THR A 38 -22.12 -8.42 -22.25
N ILE A 39 -20.84 -8.43 -21.90
CA ILE A 39 -19.96 -9.55 -22.21
C ILE A 39 -19.33 -9.97 -20.89
N ILE A 40 -19.45 -11.24 -20.55
CA ILE A 40 -18.85 -11.77 -19.33
C ILE A 40 -18.08 -13.03 -19.69
N LEU A 41 -16.82 -13.09 -19.27
CA LEU A 41 -16.01 -14.26 -19.57
C LEU A 41 -15.01 -14.66 -18.52
N SER A 42 -14.85 -15.98 -18.40
CA SER A 42 -13.94 -16.63 -17.47
C SER A 42 -12.76 -17.11 -18.32
N TYR A 43 -11.53 -16.80 -17.90
CA TYR A 43 -10.36 -17.20 -18.68
C TYR A 43 -9.14 -17.48 -17.80
N LYS A 44 -8.18 -18.20 -18.36
CA LYS A 44 -6.92 -18.54 -17.71
C LYS A 44 -5.86 -18.26 -18.77
N SER A 45 -5.05 -17.22 -18.57
CA SER A 45 -3.99 -16.87 -19.51
C SER A 45 -2.70 -17.65 -19.22
N THR A 46 -2.14 -18.30 -20.23
CA THR A 46 -0.91 -19.06 -20.07
C THR A 46 0.23 -18.41 -20.84
N SER A 47 -0.05 -17.24 -21.40
CA SER A 47 0.91 -16.51 -22.22
C SER A 47 1.51 -15.29 -21.55
N GLU A 48 2.76 -14.97 -21.93
CA GLU A 48 3.44 -13.79 -21.40
C GLU A 48 3.39 -12.63 -22.40
N ASN A 49 2.53 -12.74 -23.42
CA ASN A 49 2.40 -11.69 -24.42
C ASN A 49 1.92 -10.41 -23.75
N GLY A 50 2.50 -9.28 -24.15
CA GLY A 50 2.16 -7.98 -23.59
C GLY A 50 0.68 -7.68 -23.47
N ILE A 51 0.00 -7.62 -24.61
CA ILE A 51 -1.44 -7.34 -24.67
C ILE A 51 -2.16 -8.55 -25.27
N GLN A 52 -3.22 -9.01 -24.59
CA GLN A 52 -3.96 -10.18 -25.02
C GLN A 52 -5.48 -9.94 -25.07
N SER A 53 -6.03 -9.87 -26.29
CA SER A 53 -7.47 -9.68 -26.45
C SER A 53 -8.17 -10.97 -26.04
N LEU A 54 -9.20 -10.84 -25.22
CA LEU A 54 -10.00 -11.98 -24.79
C LEU A 54 -11.12 -12.20 -25.81
N PHE A 55 -11.77 -11.12 -26.23
CA PHE A 55 -12.89 -11.16 -27.17
C PHE A 55 -12.88 -9.90 -28.02
N SER A 56 -13.21 -10.04 -29.31
CA SER A 56 -13.24 -8.90 -30.23
C SER A 56 -14.26 -9.08 -31.37
N VAL A 57 -14.71 -7.95 -31.91
CA VAL A 57 -15.64 -7.90 -33.04
C VAL A 57 -15.14 -6.73 -33.89
N GLY A 58 -14.95 -6.94 -35.19
CA GLY A 58 -14.47 -5.85 -36.01
C GLY A 58 -14.29 -6.14 -37.48
N ASN A 59 -13.59 -5.24 -38.16
CA ASN A 59 -13.31 -5.32 -39.60
C ASN A 59 -11.88 -5.83 -39.83
N SER A 60 -11.73 -7.04 -40.35
CA SER A 60 -10.39 -7.63 -40.56
C SER A 60 -9.68 -7.20 -41.86
N THR A 61 -10.33 -6.41 -42.69
CA THR A 61 -9.77 -6.03 -44.00
C THR A 61 -8.62 -5.02 -44.07
N ALA A 62 -7.96 -4.97 -45.22
CA ALA A 62 -6.84 -4.07 -45.44
C ALA A 62 -7.23 -2.62 -45.22
N GLY A 63 -6.38 -1.87 -44.52
CA GLY A 63 -6.64 -0.48 -44.24
C GLY A 63 -7.69 -0.19 -43.19
N ASN A 64 -8.25 -1.24 -42.60
CA ASN A 64 -9.28 -1.06 -41.60
C ASN A 64 -8.88 -1.60 -40.22
N GLN A 65 -7.58 -1.51 -39.94
CA GLN A 65 -7.00 -2.00 -38.70
C GLN A 65 -7.45 -1.22 -37.44
N ASP A 66 -8.02 -0.03 -37.62
CA ASP A 66 -8.47 0.74 -36.46
C ASP A 66 -10.00 0.68 -36.34
N ARG A 67 -10.60 -0.33 -36.94
CA ARG A 67 -12.05 -0.54 -36.89
C ARG A 67 -12.39 -1.84 -36.13
N HIS A 68 -12.53 -1.73 -34.81
CA HIS A 68 -12.84 -2.90 -33.99
C HIS A 68 -13.14 -2.57 -32.54
N PHE A 69 -13.66 -3.56 -31.83
CA PHE A 69 -13.97 -3.47 -30.42
C PHE A 69 -13.34 -4.70 -29.79
N HIS A 70 -12.65 -4.53 -28.67
CA HIS A 70 -12.06 -5.67 -27.99
C HIS A 70 -11.86 -5.45 -26.49
N ILE A 71 -11.96 -6.53 -25.72
CA ILE A 71 -11.76 -6.52 -24.27
C ILE A 71 -10.42 -7.25 -24.19
N TYR A 72 -9.46 -6.69 -23.45
CA TYR A 72 -8.14 -7.28 -23.38
C TYR A 72 -7.54 -7.24 -21.96
N ILE A 73 -6.50 -8.04 -21.76
CA ILE A 73 -5.74 -8.07 -20.50
C ILE A 73 -4.25 -7.89 -20.84
N THR A 74 -3.46 -7.48 -19.86
CA THR A 74 -2.03 -7.32 -20.10
C THR A 74 -1.27 -8.30 -19.20
N ASN A 75 -0.02 -8.57 -19.52
CA ASN A 75 0.76 -9.50 -18.70
C ASN A 75 1.05 -8.95 -17.31
N SER A 76 0.77 -7.66 -17.09
CA SER A 76 0.99 -7.01 -15.81
C SER A 76 -0.31 -6.89 -15.01
N GLY A 77 -1.34 -7.63 -15.45
CA GLY A 77 -2.61 -7.63 -14.74
C GLY A 77 -3.60 -6.53 -15.06
N GLY A 78 -3.29 -5.69 -16.04
CA GLY A 78 -4.23 -4.65 -16.40
C GLY A 78 -5.35 -5.23 -17.24
N ILE A 79 -6.48 -4.53 -17.32
CA ILE A 79 -7.61 -4.98 -18.11
C ILE A 79 -8.29 -3.75 -18.70
N GLY A 80 -8.80 -3.86 -19.92
CA GLY A 80 -9.46 -2.72 -20.51
C GLY A 80 -10.17 -3.00 -21.83
N ILE A 81 -10.70 -1.95 -22.44
CA ILE A 81 -11.39 -2.04 -23.74
C ILE A 81 -10.98 -0.90 -24.66
N GLU A 82 -11.15 -1.14 -25.96
CA GLU A 82 -10.89 -0.16 -26.99
C GLU A 82 -12.06 -0.34 -27.98
N LEU A 83 -12.82 0.73 -28.22
CA LEU A 83 -13.95 0.75 -29.14
C LEU A 83 -13.51 1.73 -30.22
N ARG A 84 -13.23 1.23 -31.43
CA ARG A 84 -12.71 2.06 -32.51
C ARG A 84 -13.33 1.94 -33.91
N ASN A 85 -13.32 3.05 -34.66
CA ASN A 85 -13.78 3.09 -36.06
C ASN A 85 -12.96 4.19 -36.75
N THR A 86 -11.64 4.11 -36.51
CA THR A 86 -10.62 5.08 -36.94
C THR A 86 -10.76 6.28 -36.01
N ASP A 87 -9.63 6.89 -35.67
CA ASP A 87 -9.62 8.01 -34.73
C ASP A 87 -10.45 9.22 -35.08
N GLY A 88 -10.68 9.44 -36.37
CA GLY A 88 -11.50 10.55 -36.82
C GLY A 88 -12.98 10.35 -36.51
N VAL A 89 -13.42 9.09 -36.38
CA VAL A 89 -14.83 8.80 -36.08
C VAL A 89 -14.98 8.63 -34.55
N PHE A 90 -14.27 7.66 -33.97
CA PHE A 90 -14.29 7.47 -32.51
C PHE A 90 -13.19 6.50 -32.05
N ASN A 91 -12.69 6.75 -30.84
CA ASN A 91 -11.65 5.93 -30.22
C ASN A 91 -11.91 6.02 -28.71
N TYR A 92 -12.82 5.18 -28.24
CA TYR A 92 -13.17 5.16 -26.82
C TYR A 92 -12.35 4.10 -26.11
N THR A 93 -11.73 4.48 -24.99
CA THR A 93 -10.91 3.52 -24.25
C THR A 93 -11.23 3.61 -22.76
N LEU A 94 -11.01 2.51 -22.04
CA LEU A 94 -11.26 2.44 -20.60
C LEU A 94 -10.43 1.28 -20.06
N ASP A 95 -9.72 1.49 -18.94
CA ASP A 95 -8.89 0.43 -18.37
C ASP A 95 -8.55 0.69 -16.91
N ARG A 96 -7.98 -0.30 -16.24
CA ARG A 96 -7.52 -0.17 -14.86
C ARG A 96 -6.42 -1.20 -14.62
N PRO A 97 -5.22 -0.73 -14.21
CA PRO A 97 -4.06 -1.58 -13.93
C PRO A 97 -4.31 -2.49 -12.73
N ALA A 98 -3.49 -3.52 -12.60
CA ALA A 98 -3.55 -4.46 -11.47
C ALA A 98 -4.95 -4.93 -11.07
N SER A 99 -5.73 -5.37 -12.07
CA SER A 99 -7.11 -5.83 -11.86
C SER A 99 -7.26 -7.35 -11.85
N VAL A 100 -6.36 -8.05 -12.54
CA VAL A 100 -6.38 -9.50 -12.62
C VAL A 100 -4.99 -10.06 -12.30
N ARG A 101 -4.91 -11.36 -12.04
CA ARG A 101 -3.64 -12.01 -11.73
C ARG A 101 -3.50 -13.20 -12.67
N ALA A 102 -2.32 -13.81 -12.72
CA ALA A 102 -2.11 -14.95 -13.61
C ALA A 102 -1.84 -16.25 -12.87
N LEU A 103 -1.05 -16.16 -11.82
CA LEU A 103 -0.67 -17.32 -11.04
C LEU A 103 -0.91 -17.13 -9.54
N TYR A 104 -1.42 -18.17 -8.88
CA TYR A 104 -1.67 -18.15 -7.44
C TYR A 104 -1.24 -19.51 -6.91
N LYS A 105 -0.31 -19.49 -5.96
CA LYS A 105 0.23 -20.69 -5.34
C LYS A 105 0.77 -21.73 -6.31
N GLY A 106 1.62 -21.28 -7.23
CA GLY A 106 2.23 -22.18 -8.20
C GLY A 106 1.41 -22.61 -9.40
N GLU A 107 0.16 -22.17 -9.52
CA GLU A 107 -0.64 -22.56 -10.68
C GLU A 107 -1.49 -21.47 -11.31
N ARG A 108 -1.64 -21.55 -12.62
CA ARG A 108 -2.42 -20.60 -13.41
C ARG A 108 -3.86 -20.69 -12.96
N VAL A 109 -4.46 -19.56 -12.63
CA VAL A 109 -5.85 -19.52 -12.15
C VAL A 109 -6.80 -18.73 -13.06
N PHE A 110 -8.08 -19.02 -12.98
CA PHE A 110 -9.09 -18.33 -13.78
C PHE A 110 -9.50 -17.01 -13.17
N ASN A 111 -9.79 -16.04 -14.03
CA ASN A 111 -10.26 -14.72 -13.60
C ASN A 111 -11.59 -14.55 -14.32
N THR A 112 -12.52 -13.81 -13.72
CA THR A 112 -13.81 -13.58 -14.35
C THR A 112 -13.96 -12.08 -14.53
N VAL A 113 -14.20 -11.68 -15.78
CA VAL A 113 -14.31 -10.27 -16.13
C VAL A 113 -15.62 -9.95 -16.86
N ALA A 114 -15.98 -8.67 -16.92
CA ALA A 114 -17.19 -8.25 -17.61
C ALA A 114 -17.18 -6.80 -18.08
N LEU A 115 -17.77 -6.58 -19.25
CA LEU A 115 -17.90 -5.24 -19.82
C LEU A 115 -19.39 -5.02 -20.02
N LYS A 116 -19.87 -3.87 -19.56
CA LYS A 116 -21.27 -3.50 -19.68
C LYS A 116 -21.34 -2.21 -20.50
N ALA A 117 -22.02 -2.28 -21.66
CA ALA A 117 -22.23 -1.13 -22.53
C ALA A 117 -23.71 -0.78 -22.39
N ASP A 118 -23.97 0.22 -21.56
CA ASP A 118 -25.31 0.69 -21.21
C ASP A 118 -25.75 1.87 -22.09
N ALA A 119 -26.54 1.60 -23.13
CA ALA A 119 -27.01 2.64 -24.03
C ALA A 119 -27.91 3.67 -23.35
N ALA A 120 -28.86 3.18 -22.56
CA ALA A 120 -29.79 4.05 -21.84
C ALA A 120 -29.10 5.05 -20.94
N ASN A 121 -28.03 4.63 -20.27
CA ASN A 121 -27.30 5.53 -19.39
C ASN A 121 -26.03 6.10 -20.01
N LYS A 122 -25.78 5.79 -21.29
CA LYS A 122 -24.61 6.27 -22.02
C LYS A 122 -23.35 6.08 -21.19
N GLN A 123 -23.12 4.83 -20.78
CA GLN A 123 -22.01 4.52 -19.89
C GLN A 123 -21.44 3.12 -20.12
N CYS A 124 -20.12 3.00 -19.96
CA CYS A 124 -19.39 1.73 -20.12
C CYS A 124 -18.74 1.42 -18.75
N ARG A 125 -18.86 0.18 -18.29
CA ARG A 125 -18.29 -0.22 -17.01
C ARG A 125 -17.56 -1.55 -17.09
N LEU A 126 -16.40 -1.61 -16.45
CA LEU A 126 -15.56 -2.80 -16.41
C LEU A 126 -15.56 -3.42 -15.01
N PHE A 127 -15.63 -4.75 -14.96
CA PHE A 127 -15.64 -5.49 -13.71
C PHE A 127 -14.64 -6.63 -13.81
N ALA A 128 -14.11 -7.04 -12.66
CA ALA A 128 -13.19 -8.17 -12.60
C ALA A 128 -13.09 -8.70 -11.17
N ASN A 129 -13.23 -10.02 -11.03
CA ASN A 129 -13.13 -10.71 -9.76
C ASN A 129 -13.91 -10.10 -8.59
N GLY A 130 -15.15 -9.68 -8.88
CA GLY A 130 -16.01 -9.11 -7.86
C GLY A 130 -15.88 -7.62 -7.62
N GLU A 131 -15.11 -6.94 -8.47
CA GLU A 131 -14.89 -5.51 -8.33
C GLU A 131 -15.31 -4.66 -9.52
N LEU A 132 -15.87 -3.49 -9.24
CA LEU A 132 -16.22 -2.54 -10.29
C LEU A 132 -14.90 -1.79 -10.43
N LEU A 133 -14.25 -1.91 -11.59
CA LEU A 133 -12.95 -1.30 -11.81
C LEU A 133 -12.91 0.11 -12.38
N ALA A 134 -13.74 0.39 -13.37
CA ALA A 134 -13.70 1.72 -13.99
C ALA A 134 -14.98 2.05 -14.73
N THR A 135 -15.22 3.35 -14.93
CA THR A 135 -16.42 3.83 -15.60
C THR A 135 -16.11 4.90 -16.66
N LEU A 136 -16.76 4.80 -17.82
CA LEU A 136 -16.59 5.77 -18.91
C LEU A 136 -17.96 6.31 -19.32
N ASP A 137 -18.11 7.63 -19.28
CA ASP A 137 -19.35 8.30 -19.66
C ASP A 137 -19.09 9.03 -20.98
N LYS A 138 -19.99 8.83 -21.93
CA LYS A 138 -19.87 9.46 -23.24
C LYS A 138 -21.23 9.95 -23.71
N ASP A 139 -21.33 11.21 -24.10
CA ASP A 139 -22.59 11.76 -24.58
C ASP A 139 -22.98 11.15 -25.91
N ALA A 140 -21.98 10.88 -26.75
CA ALA A 140 -22.24 10.24 -28.04
C ALA A 140 -21.97 8.77 -27.81
N PHE A 141 -22.98 8.04 -27.33
CA PHE A 141 -22.83 6.62 -27.07
C PHE A 141 -22.60 5.84 -28.38
N LYS A 142 -21.60 4.96 -28.37
CA LYS A 142 -21.27 4.15 -29.55
C LYS A 142 -21.07 2.69 -29.15
N PHE A 143 -21.31 1.78 -30.09
CA PHE A 143 -21.04 0.38 -29.84
C PHE A 143 -20.73 -0.34 -31.16
N ILE A 144 -20.83 -1.67 -31.18
CA ILE A 144 -20.50 -2.46 -32.34
C ILE A 144 -21.24 -2.08 -33.63
N SER A 145 -22.49 -1.68 -33.49
CA SER A 145 -23.32 -1.27 -34.62
C SER A 145 -22.73 -0.05 -35.34
N ASP A 146 -21.86 0.68 -34.63
CA ASP A 146 -21.22 1.88 -35.15
C ASP A 146 -19.88 1.67 -35.85
N ILE A 147 -19.39 0.43 -35.87
CA ILE A 147 -18.14 0.15 -36.55
C ILE A 147 -18.48 -0.14 -38.02
N THR A 148 -17.66 0.38 -38.93
CA THR A 148 -17.88 0.21 -40.37
C THR A 148 -17.25 -1.07 -40.91
N GLY A 149 -18.05 -1.87 -41.63
CA GLY A 149 -17.54 -3.09 -42.22
C GLY A 149 -17.18 -4.27 -41.33
N VAL A 150 -17.86 -4.43 -40.20
CA VAL A 150 -17.58 -5.54 -39.30
C VAL A 150 -17.73 -6.86 -40.07
N ASP A 151 -16.76 -7.75 -39.93
CA ASP A 151 -16.82 -9.02 -40.62
C ASP A 151 -16.35 -10.21 -39.81
N ASN A 152 -16.17 -10.06 -38.50
CA ASN A 152 -15.70 -11.16 -37.67
C ASN A 152 -15.96 -11.02 -36.18
N VAL A 153 -16.06 -12.16 -35.50
CA VAL A 153 -16.25 -12.24 -34.04
C VAL A 153 -15.17 -13.23 -33.66
N THR A 154 -14.18 -12.77 -32.89
CA THR A 154 -13.02 -13.58 -32.52
C THR A 154 -12.68 -13.64 -31.03
N LEU A 155 -12.20 -14.80 -30.62
CA LEU A 155 -11.78 -15.07 -29.24
C LEU A 155 -10.25 -15.18 -29.26
N GLY A 156 -9.59 -14.60 -28.27
CA GLY A 156 -8.14 -14.68 -28.18
C GLY A 156 -7.31 -13.81 -29.08
N GLY A 157 -7.90 -12.75 -29.63
CA GLY A 157 -7.15 -11.86 -30.50
C GLY A 157 -8.06 -10.90 -31.22
N THR A 158 -7.46 -9.94 -31.93
CA THR A 158 -8.22 -8.95 -32.71
C THR A 158 -7.68 -9.03 -34.14
N LYS A 159 -8.55 -9.34 -35.11
CA LYS A 159 -8.12 -9.42 -36.51
C LYS A 159 -7.87 -8.04 -37.11
N ARG A 160 -6.63 -7.79 -37.54
CA ARG A 160 -6.22 -6.51 -38.12
C ARG A 160 -5.50 -6.81 -39.44
N GLN A 161 -6.11 -6.40 -40.55
CA GLN A 161 -5.56 -6.65 -41.89
C GLN A 161 -5.20 -8.12 -42.07
N GLY A 162 -6.15 -8.98 -41.72
CA GLY A 162 -5.96 -10.42 -41.87
C GLY A 162 -5.06 -11.14 -40.89
N LYS A 163 -4.52 -10.41 -39.91
CA LYS A 163 -3.62 -10.99 -38.92
C LYS A 163 -4.23 -11.00 -37.51
N ILE A 164 -3.76 -11.92 -36.68
CA ILE A 164 -4.23 -12.01 -35.30
C ILE A 164 -3.35 -11.07 -34.46
N ALA A 165 -3.91 -9.94 -34.07
CA ALA A 165 -3.18 -8.98 -33.24
C ALA A 165 -3.55 -9.20 -31.76
N TYR A 166 -2.76 -8.66 -30.85
CA TYR A 166 -2.98 -8.80 -29.39
C TYR A 166 -3.29 -10.27 -29.08
N PRO A 167 -2.37 -11.18 -29.44
CA PRO A 167 -2.53 -12.63 -29.24
C PRO A 167 -2.57 -13.18 -27.82
N PHE A 168 -3.70 -13.81 -27.51
CA PHE A 168 -3.95 -14.45 -26.23
C PHE A 168 -3.49 -15.92 -26.35
N GLY A 169 -3.18 -16.51 -25.21
CA GLY A 169 -2.77 -17.91 -25.16
C GLY A 169 -3.31 -18.42 -23.83
N GLY A 170 -4.09 -19.49 -23.86
CA GLY A 170 -4.66 -20.04 -22.64
C GLY A 170 -6.00 -20.69 -22.87
N THR A 171 -6.92 -20.50 -21.94
CA THR A 171 -8.25 -21.09 -22.02
C THR A 171 -9.39 -20.10 -21.72
N ILE A 172 -10.41 -20.09 -22.56
CA ILE A 172 -11.58 -19.27 -22.30
C ILE A 172 -12.53 -20.27 -21.64
N GLY A 173 -12.69 -20.14 -20.33
CA GLY A 173 -13.56 -21.03 -19.59
C GLY A 173 -15.01 -20.94 -20.03
N ASP A 174 -15.49 -19.72 -20.20
CA ASP A 174 -16.87 -19.51 -20.61
C ASP A 174 -17.04 -18.06 -21.03
N ILE A 175 -17.84 -17.83 -22.06
CA ILE A 175 -18.13 -16.49 -22.51
C ILE A 175 -19.63 -16.42 -22.81
N LYS A 176 -20.27 -15.36 -22.33
CA LYS A 176 -21.68 -15.13 -22.56
C LYS A 176 -21.83 -13.70 -23.06
N VAL A 177 -22.53 -13.55 -24.17
CA VAL A 177 -22.76 -12.23 -24.76
C VAL A 177 -24.27 -11.98 -24.73
N TYR A 178 -24.67 -10.92 -24.01
CA TYR A 178 -26.08 -10.51 -23.84
C TYR A 178 -26.36 -9.23 -24.63
N SER A 179 -27.57 -9.13 -25.18
CA SER A 179 -27.94 -7.93 -25.93
C SER A 179 -28.32 -6.84 -24.94
N ASN A 180 -28.76 -7.25 -23.75
CA ASN A 180 -29.17 -6.31 -22.70
C ASN A 180 -28.05 -5.96 -21.72
N ALA A 181 -28.20 -4.84 -21.03
CA ALA A 181 -27.20 -4.39 -20.06
C ALA A 181 -27.56 -4.90 -18.66
N LEU A 182 -26.78 -5.85 -18.15
CA LEU A 182 -27.05 -6.41 -16.82
C LEU A 182 -26.75 -5.36 -15.73
N SER A 183 -27.30 -5.54 -14.53
CA SER A 183 -27.06 -4.58 -13.46
C SER A 183 -25.67 -4.74 -12.85
N ASP A 184 -25.18 -3.68 -12.22
CA ASP A 184 -23.86 -3.70 -11.58
C ASP A 184 -23.82 -4.81 -10.53
N GLU A 185 -24.92 -4.98 -9.80
CA GLU A 185 -25.02 -6.00 -8.77
C GLU A 185 -24.84 -7.39 -9.37
N GLU A 186 -25.52 -7.64 -10.48
CA GLU A 186 -25.41 -8.93 -11.15
C GLU A 186 -23.97 -9.21 -11.57
N LEU A 187 -23.30 -8.18 -12.07
CA LEU A 187 -21.93 -8.33 -12.54
C LEU A 187 -20.89 -8.50 -11.42
N ILE A 188 -21.12 -7.85 -10.27
CA ILE A 188 -20.23 -7.99 -9.12
C ILE A 188 -20.33 -9.45 -8.68
N GLN A 189 -21.57 -9.95 -8.62
CA GLN A 189 -21.88 -11.31 -8.22
C GLN A 189 -21.26 -12.33 -9.19
N ALA A 190 -21.51 -12.14 -10.49
CA ALA A 190 -20.99 -13.03 -11.52
C ALA A 190 -19.47 -13.09 -11.59
N THR A 191 -18.82 -11.95 -11.55
CA THR A 191 -17.36 -11.93 -11.61
C THR A 191 -16.70 -12.30 -10.28
N GLY A 192 -17.43 -12.11 -9.18
CA GLY A 192 -16.91 -12.41 -7.85
C GLY A 192 -16.71 -13.89 -7.55
N VAL A 193 -17.04 -14.74 -8.50
CA VAL A 193 -16.90 -16.19 -8.36
C VAL A 193 -15.42 -16.62 -8.27
N THR A 194 -14.51 -15.77 -8.77
CA THR A 194 -13.09 -16.08 -8.69
C THR A 194 -12.35 -14.99 -7.90
N THR A 195 -11.92 -15.30 -6.68
CA THR A 195 -11.16 -14.37 -5.85
C THR A 195 -10.00 -15.16 -5.24
N TYR A 196 -8.88 -14.49 -4.97
CA TYR A 196 -7.69 -15.13 -4.40
C TYR A 196 -7.15 -14.29 -3.25
N GLY A 197 -6.86 -14.96 -2.14
CA GLY A 197 -6.38 -14.26 -0.96
C GLY A 197 -7.55 -13.49 -0.38
N GLU A 198 -7.31 -12.65 0.62
CA GLU A 198 -8.38 -11.85 1.21
C GLU A 198 -7.96 -10.43 1.57
N ASN A 199 -8.94 -9.59 1.88
CA ASN A 199 -8.69 -8.21 2.28
C ASN A 199 -8.91 -8.13 3.78
N ILE A 200 -8.14 -7.27 4.45
CA ILE A 200 -8.32 -7.03 5.87
C ILE A 200 -9.06 -5.69 5.87
N PHE A 201 -8.44 -4.68 5.26
CA PHE A 201 -9.03 -3.36 5.13
C PHE A 201 -9.53 -3.28 3.67
N TYR A 202 -10.64 -2.60 3.43
CA TYR A 202 -11.18 -2.48 2.06
C TYR A 202 -12.02 -1.22 1.87
N ALA A 203 -12.19 -0.77 0.63
CA ALA A 203 -12.97 0.43 0.36
C ALA A 203 -14.44 0.13 0.66
N GLY A 204 -14.99 0.85 1.63
CA GLY A 204 -16.37 0.61 2.02
C GLY A 204 -16.47 0.22 3.48
N ASP A 205 -15.34 -0.13 4.09
CA ASP A 205 -15.34 -0.49 5.51
C ASP A 205 -15.49 0.76 6.41
N VAL A 206 -15.56 0.57 7.73
CA VAL A 206 -15.73 1.70 8.65
C VAL A 206 -14.62 2.73 8.75
N THR A 207 -13.48 2.51 8.08
CA THR A 207 -12.40 3.49 8.12
C THR A 207 -12.80 4.71 7.28
N GLU A 208 -13.73 4.48 6.35
CA GLU A 208 -14.21 5.50 5.42
C GLU A 208 -13.16 5.94 4.42
N SER A 209 -12.14 5.09 4.24
CA SER A 209 -11.09 5.36 3.28
C SER A 209 -11.23 4.43 2.08
N ASN A 210 -11.01 4.96 0.88
CA ASN A 210 -11.09 4.14 -0.33
C ASN A 210 -9.75 3.49 -0.65
N TYR A 211 -8.67 3.99 -0.06
CA TYR A 211 -7.33 3.49 -0.36
C TYR A 211 -6.49 3.15 0.88
N PHE A 212 -5.58 2.19 0.70
CA PHE A 212 -4.69 1.73 1.77
C PHE A 212 -3.29 1.45 1.24
N ARG A 213 -2.30 1.63 2.10
CA ARG A 213 -0.90 1.39 1.77
C ARG A 213 -0.11 1.11 3.04
N ILE A 214 1.14 0.68 2.88
CA ILE A 214 2.08 0.41 3.98
C ILE A 214 1.61 -0.60 5.05
N PRO A 215 1.63 -1.89 4.71
CA PRO A 215 1.21 -2.94 5.64
C PRO A 215 2.14 -3.28 6.83
N SER A 216 1.50 -3.67 7.93
CA SER A 216 2.16 -4.09 9.15
C SER A 216 1.34 -5.31 9.62
N LEU A 217 2.02 -6.40 9.95
CA LEU A 217 1.37 -7.65 10.37
C LEU A 217 2.23 -8.27 11.48
N LEU A 218 1.60 -8.66 12.58
CA LEU A 218 2.35 -9.23 13.70
C LEU A 218 1.55 -10.23 14.54
N THR A 219 2.13 -11.40 14.79
CA THR A 219 1.46 -12.40 15.62
C THR A 219 1.96 -12.17 17.06
N LEU A 220 1.02 -12.02 17.99
CA LEU A 220 1.34 -11.80 19.41
C LEU A 220 1.60 -13.13 20.12
N SER A 221 2.29 -13.08 21.26
CA SER A 221 2.63 -14.28 22.01
C SER A 221 1.38 -15.03 22.46
N THR A 222 0.24 -14.35 22.48
CA THR A 222 -1.03 -14.95 22.86
C THR A 222 -1.71 -15.69 21.69
N GLY A 223 -1.18 -15.52 20.47
CA GLY A 223 -1.74 -16.18 19.31
C GLY A 223 -2.57 -15.25 18.44
N THR A 224 -2.92 -14.09 18.96
CA THR A 224 -3.71 -13.11 18.22
C THR A 224 -2.82 -12.50 17.15
N VAL A 225 -3.36 -12.31 15.96
CA VAL A 225 -2.58 -11.68 14.88
C VAL A 225 -3.14 -10.27 14.72
N ILE A 226 -2.27 -9.26 14.76
CA ILE A 226 -2.71 -7.87 14.61
C ILE A 226 -2.14 -7.27 13.31
N SER A 227 -2.79 -6.23 12.81
CA SER A 227 -2.36 -5.60 11.57
C SER A 227 -2.67 -4.12 11.56
N ALA A 228 -1.93 -3.37 10.76
CA ALA A 228 -2.15 -1.93 10.63
C ALA A 228 -1.79 -1.53 9.20
N ALA A 229 -2.22 -0.34 8.79
CA ALA A 229 -1.93 0.18 7.45
C ALA A 229 -2.36 1.63 7.36
N ASP A 230 -1.73 2.37 6.44
CA ASP A 230 -2.10 3.76 6.19
C ASP A 230 -3.48 3.68 5.55
N ALA A 231 -4.41 4.51 6.03
CA ALA A 231 -5.73 4.60 5.44
C ALA A 231 -5.58 5.92 4.67
N ARG A 232 -5.25 5.82 3.39
CA ARG A 232 -5.03 7.01 2.56
C ARG A 232 -6.31 7.49 1.88
N TYR A 233 -6.89 8.56 2.43
CA TYR A 233 -8.14 9.11 1.91
C TYR A 233 -8.05 9.86 0.58
N GLY A 234 -7.04 10.72 0.43
CA GLY A 234 -6.90 11.50 -0.79
C GLY A 234 -6.06 10.82 -1.83
N GLY A 235 -6.51 9.64 -2.27
CA GLY A 235 -5.76 8.88 -3.24
C GLY A 235 -4.63 8.17 -2.51
N THR A 236 -3.69 7.60 -3.25
CA THR A 236 -2.55 6.89 -2.65
C THR A 236 -1.29 7.73 -2.44
N HIS A 237 -1.41 9.05 -2.51
CA HIS A 237 -0.26 9.94 -2.32
C HIS A 237 0.36 9.87 -0.91
N ASP A 238 1.69 10.03 -0.84
CA ASP A 238 2.40 10.05 0.44
C ASP A 238 2.01 11.36 1.10
N SER A 239 2.41 11.52 2.36
CA SER A 239 2.09 12.70 3.12
C SER A 239 2.23 14.06 2.50
N LYS A 240 1.31 14.86 3.00
CA LYS A 240 0.95 16.22 2.65
C LYS A 240 -0.26 15.63 1.93
N SER A 241 -1.20 15.20 2.77
CA SER A 241 -2.44 14.56 2.34
C SER A 241 -3.21 14.31 3.63
N LYS A 242 -4.32 13.60 3.53
CA LYS A 242 -5.12 13.26 4.70
C LYS A 242 -4.96 11.74 4.81
N ILE A 243 -4.25 11.30 5.85
CA ILE A 243 -4.01 9.87 6.10
C ILE A 243 -4.12 9.58 7.60
N ASN A 244 -4.73 8.45 7.92
CA ASN A 244 -4.90 7.99 9.31
C ASN A 244 -4.26 6.59 9.36
N ILE A 245 -4.09 6.05 10.55
CA ILE A 245 -3.53 4.70 10.67
C ILE A 245 -4.67 3.77 11.11
N ALA A 246 -4.98 2.77 10.29
CA ALA A 246 -6.03 1.79 10.55
C ALA A 246 -5.46 0.57 11.27
N PHE A 247 -6.30 -0.12 12.05
CA PHE A 247 -5.88 -1.30 12.83
C PHE A 247 -6.96 -2.39 12.85
N ALA A 248 -6.54 -3.66 12.81
CA ALA A 248 -7.47 -4.79 12.86
C ALA A 248 -6.77 -6.02 13.41
N LYS A 249 -7.53 -6.94 13.99
CA LYS A 249 -6.93 -8.15 14.57
C LYS A 249 -7.73 -9.41 14.23
N SER A 250 -7.07 -10.55 14.31
CA SER A 250 -7.67 -11.84 14.04
C SER A 250 -7.36 -12.78 15.22
N THR A 251 -8.39 -13.46 15.73
CA THR A 251 -8.27 -14.41 16.82
C THR A 251 -8.43 -15.86 16.35
N ASP A 252 -8.48 -16.06 15.04
CA ASP A 252 -8.61 -17.39 14.47
C ASP A 252 -7.51 -17.73 13.46
N GLY A 253 -6.31 -17.23 13.73
CA GLY A 253 -5.17 -17.48 12.87
C GLY A 253 -5.16 -16.80 11.51
N GLY A 254 -5.76 -15.62 11.43
CA GLY A 254 -5.78 -14.90 10.17
C GLY A 254 -6.88 -15.26 9.18
N ASN A 255 -7.88 -16.01 9.63
CA ASN A 255 -8.99 -16.36 8.75
C ASN A 255 -9.98 -15.21 8.61
N THR A 256 -10.38 -14.63 9.73
CA THR A 256 -11.32 -13.50 9.71
C THR A 256 -10.74 -12.35 10.52
N TRP A 257 -11.11 -11.13 10.17
CA TRP A 257 -10.60 -9.92 10.82
C TRP A 257 -11.69 -9.01 11.39
N SER A 258 -11.36 -8.38 12.51
CA SER A 258 -12.26 -7.48 13.21
C SER A 258 -12.59 -6.22 12.42
N GLU A 259 -13.65 -5.53 12.84
CA GLU A 259 -14.04 -4.26 12.23
C GLU A 259 -12.86 -3.34 12.57
N PRO A 260 -12.23 -2.74 11.55
CA PRO A 260 -11.07 -1.86 11.77
C PRO A 260 -11.32 -0.62 12.63
N THR A 261 -10.28 -0.20 13.35
CA THR A 261 -10.31 1.00 14.17
C THR A 261 -9.25 1.96 13.61
N LEU A 262 -9.22 3.18 14.13
CA LEU A 262 -8.28 4.22 13.70
C LEU A 262 -7.56 4.75 14.96
N PRO A 263 -6.55 4.00 15.48
CA PRO A 263 -5.79 4.40 16.68
C PRO A 263 -5.04 5.74 16.59
N LEU A 264 -4.56 6.07 15.40
CA LEU A 264 -3.84 7.33 15.16
C LEU A 264 -4.62 8.05 14.05
N LYS A 265 -5.22 9.19 14.38
CA LYS A 265 -6.00 9.92 13.39
C LYS A 265 -6.12 11.39 13.75
N PHE A 266 -6.39 12.21 12.75
CA PHE A 266 -6.58 13.63 12.93
C PHE A 266 -7.95 13.95 12.38
N ASP A 267 -8.58 15.00 12.91
CA ASP A 267 -9.92 15.37 12.49
C ASP A 267 -10.05 16.74 11.83
N ASP A 268 -8.94 17.41 11.53
CA ASP A 268 -8.98 18.71 10.86
C ASP A 268 -9.63 18.60 9.48
N TYR A 269 -9.44 17.45 8.83
CA TYR A 269 -10.05 17.20 7.52
C TYR A 269 -10.91 15.95 7.69
N ILE A 270 -12.10 15.98 7.11
CA ILE A 270 -13.04 14.86 7.21
C ILE A 270 -12.53 13.58 6.56
N ALA A 271 -12.86 12.44 7.17
CA ALA A 271 -12.49 11.14 6.62
C ALA A 271 -13.71 10.69 5.80
N LYS A 272 -13.53 10.52 4.50
CA LYS A 272 -14.63 10.11 3.64
C LYS A 272 -14.12 9.30 2.46
N ASN A 273 -15.02 8.55 1.82
CA ASN A 273 -14.69 7.73 0.66
C ASN A 273 -14.83 8.61 -0.58
N ILE A 274 -13.73 8.87 -1.25
CA ILE A 274 -13.75 9.69 -2.46
C ILE A 274 -12.92 9.07 -3.60
N ASP A 275 -13.49 9.01 -4.80
CA ASP A 275 -12.79 8.44 -5.95
C ASP A 275 -11.84 9.51 -6.50
N TRP A 276 -10.54 9.30 -6.30
CA TRP A 276 -9.54 10.25 -6.78
C TRP A 276 -9.39 10.09 -8.29
N PRO A 277 -9.31 11.20 -9.03
CA PRO A 277 -9.16 11.13 -10.49
C PRO A 277 -7.85 10.46 -10.92
N ARG A 278 -7.92 9.68 -11.98
CA ARG A 278 -6.77 8.96 -12.48
C ARG A 278 -6.30 9.47 -13.85
N ASP A 279 -6.87 10.58 -14.32
CA ASP A 279 -6.46 11.15 -15.60
C ASP A 279 -5.06 11.76 -15.44
N SER A 280 -4.43 12.07 -16.57
CA SER A 280 -3.07 12.62 -16.56
C SER A 280 -2.85 13.88 -15.73
N VAL A 281 -3.90 14.66 -15.47
CA VAL A 281 -3.75 15.87 -14.67
C VAL A 281 -4.16 15.69 -13.21
N GLY A 282 -5.40 15.27 -12.99
CA GLY A 282 -5.92 15.09 -11.64
C GLY A 282 -5.17 14.13 -10.73
N LYS A 283 -4.60 13.08 -11.32
CA LYS A 283 -3.87 12.09 -10.54
C LYS A 283 -2.72 12.68 -9.71
N ASN A 284 -2.16 13.79 -10.18
CA ASN A 284 -1.05 14.47 -9.51
C ASN A 284 -1.44 15.36 -8.34
N VAL A 285 -2.72 15.73 -8.27
CA VAL A 285 -3.21 16.60 -7.20
C VAL A 285 -3.36 15.91 -5.84
N GLN A 286 -2.91 16.56 -4.78
CA GLN A 286 -3.02 16.01 -3.43
C GLN A 286 -3.50 17.07 -2.46
N ILE A 287 -4.05 16.63 -1.33
CA ILE A 287 -4.56 17.51 -0.28
C ILE A 287 -3.41 18.37 0.27
N GLN A 288 -3.64 19.67 0.35
CA GLN A 288 -2.63 20.63 0.78
C GLN A 288 -2.54 21.07 2.23
N GLY A 289 -3.67 21.20 2.92
CA GLY A 289 -3.62 21.67 4.30
C GLY A 289 -4.01 20.75 5.44
N SER A 290 -3.90 19.45 5.23
CA SER A 290 -4.26 18.48 6.26
C SER A 290 -3.08 17.89 7.03
N ALA A 291 -3.30 17.58 8.31
CA ALA A 291 -2.28 16.93 9.12
C ALA A 291 -2.49 15.45 8.84
N SER A 292 -1.51 14.62 9.15
CA SER A 292 -1.61 13.19 8.89
C SER A 292 -0.64 12.32 9.67
N TYR A 293 -0.91 11.01 9.66
CA TYR A 293 -0.06 10.00 10.27
C TYR A 293 0.28 9.11 9.08
N ILE A 294 1.52 8.61 9.04
CA ILE A 294 1.95 7.79 7.92
C ILE A 294 3.07 6.83 8.31
N ASP A 295 3.05 5.64 7.70
CA ASP A 295 4.03 4.56 7.90
C ASP A 295 4.03 3.94 9.30
N PRO A 296 3.18 2.90 9.50
CA PRO A 296 3.10 2.24 10.82
C PRO A 296 4.12 1.15 11.14
N VAL A 297 4.41 1.02 12.44
CA VAL A 297 5.30 0.00 12.97
C VAL A 297 4.60 -0.61 14.18
N LEU A 298 4.49 -1.93 14.20
CA LEU A 298 3.85 -2.63 15.32
C LEU A 298 4.94 -3.38 16.11
N LEU A 299 4.79 -3.48 17.43
CA LEU A 299 5.79 -4.15 18.26
C LEU A 299 5.15 -4.68 19.55
N GLU A 300 5.63 -5.82 20.03
CA GLU A 300 5.15 -6.42 21.28
C GLU A 300 6.28 -6.61 22.30
N ASP A 301 6.02 -6.28 23.56
CA ASP A 301 7.00 -6.51 24.62
C ASP A 301 6.48 -7.82 25.21
N LYS A 302 7.16 -8.92 24.90
CA LYS A 302 6.74 -10.23 25.37
C LYS A 302 6.76 -10.43 26.88
N LEU A 303 7.51 -9.60 27.59
CA LEU A 303 7.59 -9.68 29.04
C LEU A 303 6.32 -9.15 29.68
N THR A 304 5.90 -7.96 29.26
CA THR A 304 4.70 -7.33 29.79
C THR A 304 3.43 -7.61 28.96
N LYS A 305 3.60 -8.15 27.75
CA LYS A 305 2.51 -8.45 26.83
C LYS A 305 1.89 -7.20 26.18
N ARG A 306 2.48 -6.05 26.47
CA ARG A 306 2.06 -4.75 25.94
C ARG A 306 2.40 -4.59 24.46
N ILE A 307 1.50 -3.98 23.69
CA ILE A 307 1.79 -3.76 22.25
C ILE A 307 1.95 -2.27 22.01
N PHE A 308 2.70 -1.92 20.98
CA PHE A 308 2.96 -0.52 20.66
C PHE A 308 2.71 -0.27 19.18
N LEU A 309 2.22 0.92 18.86
CA LEU A 309 1.96 1.33 17.49
C LEU A 309 2.67 2.65 17.31
N PHE A 310 3.62 2.69 16.37
CA PHE A 310 4.39 3.90 16.06
C PHE A 310 4.03 4.33 14.63
N ALA A 311 4.13 5.63 14.36
CA ALA A 311 3.88 6.19 13.03
C ALA A 311 4.45 7.60 12.96
N ASP A 312 4.76 8.06 11.74
CA ASP A 312 5.25 9.43 11.58
C ASP A 312 4.05 10.37 11.74
N LEU A 313 4.25 11.48 12.45
CA LEU A 313 3.19 12.46 12.63
C LEU A 313 3.57 13.72 11.83
N MET A 314 2.80 14.00 10.79
CA MET A 314 3.00 15.14 9.92
C MET A 314 2.04 16.30 10.23
N PRO A 315 2.58 17.47 10.62
CA PRO A 315 1.74 18.64 10.93
C PRO A 315 0.97 18.99 9.65
N ALA A 316 -0.02 19.88 9.75
CA ALA A 316 -0.80 20.27 8.57
C ALA A 316 0.08 20.69 7.38
N GLY A 317 -0.24 20.13 6.22
CA GLY A 317 0.48 20.44 5.00
C GLY A 317 1.92 19.96 4.90
N ILE A 318 2.35 19.11 5.81
CA ILE A 318 3.73 18.62 5.81
C ILE A 318 3.87 17.17 5.38
N GLY A 319 5.00 16.89 4.74
CA GLY A 319 5.37 15.56 4.29
C GLY A 319 6.88 15.54 4.47
N SER A 320 7.53 14.39 4.31
CA SER A 320 8.99 14.30 4.45
C SER A 320 9.78 15.25 3.54
N SER A 321 9.30 15.43 2.31
CA SER A 321 9.99 16.30 1.34
C SER A 321 9.92 17.79 1.63
N ASN A 322 8.93 18.23 2.40
CA ASN A 322 8.85 19.65 2.72
C ASN A 322 8.94 19.95 4.21
N ALA A 323 9.43 18.99 4.99
CA ALA A 323 9.60 19.17 6.43
C ALA A 323 10.75 20.17 6.70
N SER A 324 10.57 21.02 7.71
CA SER A 324 11.59 22.00 8.05
C SER A 324 12.71 21.36 8.86
N VAL A 325 13.92 21.87 8.71
CA VAL A 325 15.06 21.35 9.45
C VAL A 325 14.99 21.80 10.91
N GLY A 326 15.12 20.85 11.83
CA GLY A 326 15.07 21.16 13.25
C GLY A 326 14.39 20.04 14.01
N SER A 327 14.51 20.07 15.34
CA SER A 327 13.92 19.03 16.18
C SER A 327 12.44 19.27 16.48
N GLY A 328 12.05 20.53 16.59
CA GLY A 328 10.68 20.87 16.92
C GLY A 328 10.57 21.04 18.43
N PHE A 329 11.70 20.91 19.11
CA PHE A 329 11.77 21.05 20.57
C PHE A 329 12.72 22.19 20.98
N LYS A 330 12.58 22.64 22.21
CA LYS A 330 13.41 23.72 22.76
C LYS A 330 13.82 23.29 24.17
N GLU A 331 15.08 23.49 24.51
CA GLU A 331 15.56 23.12 25.84
C GLU A 331 15.47 24.29 26.81
N VAL A 332 14.76 24.08 27.92
CA VAL A 332 14.62 25.09 28.95
C VAL A 332 14.81 24.38 30.28
N ASN A 333 15.71 24.92 31.11
CA ASN A 333 16.02 24.34 32.42
C ASN A 333 16.61 22.95 32.22
N GLY A 334 17.34 22.78 31.12
CA GLY A 334 17.96 21.50 30.82
C GLY A 334 17.02 20.43 30.29
N LYS A 335 15.73 20.73 30.18
CA LYS A 335 14.75 19.76 29.70
C LYS A 335 14.15 20.20 28.35
N LYS A 336 14.00 19.25 27.43
CA LYS A 336 13.43 19.52 26.11
C LYS A 336 11.91 19.52 26.15
N TYR A 337 11.32 20.57 25.58
CA TYR A 337 9.87 20.72 25.52
C TYR A 337 9.45 21.05 24.09
N LEU A 338 8.26 20.60 23.69
CA LEU A 338 7.70 20.86 22.37
C LEU A 338 7.43 22.36 22.24
N LYS A 339 7.95 22.98 21.19
CA LYS A 339 7.76 24.43 21.00
C LYS A 339 6.56 24.84 20.17
N LEU A 340 5.95 25.96 20.55
CA LEU A 340 4.77 26.46 19.87
C LEU A 340 4.89 27.90 19.41
N ARG A 341 4.15 28.20 18.35
CA ARG A 341 4.12 29.54 17.77
C ARG A 341 2.71 30.11 17.90
N TRP A 342 2.59 31.25 18.56
CA TRP A 342 1.30 31.91 18.70
C TRP A 342 1.00 32.42 17.30
N HIS A 343 -0.17 32.10 16.77
CA HIS A 343 -0.55 32.49 15.41
C HIS A 343 -0.42 33.95 15.01
N LYS A 344 -0.27 34.83 15.98
CA LYS A 344 -0.14 36.27 15.68
C LYS A 344 1.29 36.80 15.76
N ASP A 345 2.26 35.93 16.03
CA ASP A 345 3.66 36.34 16.12
C ASP A 345 4.28 36.23 14.72
N ALA A 346 5.59 36.46 14.64
CA ALA A 346 6.30 36.37 13.36
C ALA A 346 6.31 34.92 12.89
N GLY A 347 6.36 34.74 11.57
CA GLY A 347 6.36 33.42 10.98
C GLY A 347 7.24 32.34 11.58
N ARG A 348 8.40 32.71 12.12
CA ARG A 348 9.29 31.73 12.72
C ARG A 348 9.60 32.04 14.18
N ALA A 349 8.62 32.63 14.87
CA ALA A 349 8.78 32.98 16.27
C ALA A 349 8.07 31.97 17.18
N TYR A 350 8.81 30.93 17.60
CA TYR A 350 8.25 29.92 18.49
C TYR A 350 8.73 30.27 19.90
N ASP A 351 8.02 31.20 20.52
CA ASP A 351 8.38 31.68 21.86
C ASP A 351 7.63 31.02 23.02
N TYR A 352 7.02 29.87 22.76
CA TYR A 352 6.27 29.15 23.79
C TYR A 352 6.66 27.67 23.84
N THR A 353 6.43 27.02 24.98
CA THR A 353 6.73 25.60 25.11
C THR A 353 5.62 24.87 25.85
N ILE A 354 5.45 23.59 25.55
CA ILE A 354 4.47 22.77 26.24
C ILE A 354 5.31 22.10 27.33
N ARG A 355 5.02 22.42 28.58
CA ARG A 355 5.77 21.84 29.69
C ARG A 355 4.97 20.81 30.47
N GLU A 356 5.38 20.55 31.70
CA GLU A 356 4.73 19.57 32.57
C GLU A 356 3.21 19.74 32.66
N LYS A 357 2.51 18.62 32.51
CA LYS A 357 1.04 18.57 32.56
C LYS A 357 0.35 19.31 31.41
N GLY A 358 1.08 19.46 30.30
CA GLY A 358 0.55 20.13 29.13
C GLY A 358 0.36 21.63 29.24
N VAL A 359 0.88 22.22 30.32
CA VAL A 359 0.78 23.66 30.51
C VAL A 359 1.70 24.38 29.53
N ILE A 360 1.15 25.34 28.80
CA ILE A 360 1.90 26.11 27.83
C ILE A 360 2.51 27.34 28.50
N TYR A 361 3.83 27.45 28.43
CA TYR A 361 4.58 28.54 29.04
C TYR A 361 5.06 29.57 28.04
N ASN A 362 5.25 30.80 28.52
CA ASN A 362 5.78 31.88 27.70
C ASN A 362 7.26 31.84 28.04
N ASP A 363 8.08 31.50 27.07
CA ASP A 363 9.52 31.38 27.31
C ASP A 363 10.23 32.66 27.69
N ALA A 364 9.72 33.79 27.18
CA ALA A 364 10.30 35.09 27.48
C ALA A 364 10.09 35.46 28.96
N THR A 365 8.87 35.31 29.44
CA THR A 365 8.57 35.63 30.84
C THR A 365 8.76 34.42 31.75
N ASN A 366 8.88 33.24 31.16
CA ASN A 366 9.06 31.99 31.91
C ASN A 366 7.85 31.81 32.85
N GLN A 367 6.69 32.28 32.40
CA GLN A 367 5.45 32.20 33.16
C GLN A 367 4.39 31.43 32.37
N PRO A 368 3.57 30.63 33.06
CA PRO A 368 2.51 29.86 32.39
C PRO A 368 1.43 30.77 31.82
N THR A 369 0.86 30.38 30.69
CA THR A 369 -0.19 31.18 30.07
C THR A 369 -1.55 30.57 30.46
N GLU A 370 -2.63 31.07 29.85
CA GLU A 370 -3.96 30.55 30.14
C GLU A 370 -4.30 29.32 29.30
N PHE A 371 -3.32 28.84 28.54
CA PHE A 371 -3.52 27.68 27.67
C PHE A 371 -2.82 26.40 28.12
N ARG A 372 -3.41 25.27 27.75
CA ARG A 372 -2.88 23.95 28.08
C ARG A 372 -3.39 22.92 27.06
N VAL A 373 -2.65 21.83 26.89
CA VAL A 373 -3.06 20.76 25.99
C VAL A 373 -3.28 19.49 26.83
N ASP A 374 -4.15 18.61 26.35
CA ASP A 374 -4.42 17.36 27.06
C ASP A 374 -3.53 16.25 26.48
N GLY A 375 -3.86 15.00 26.78
CA GLY A 375 -3.10 13.87 26.27
C GLY A 375 -3.26 13.61 24.79
N GLU A 376 -4.10 14.41 24.12
CA GLU A 376 -4.32 14.28 22.68
C GLU A 376 -3.77 15.50 21.94
N TYR A 377 -3.17 16.41 22.68
CA TYR A 377 -2.60 17.63 22.13
C TYR A 377 -3.63 18.63 21.58
N ASN A 378 -4.84 18.57 22.11
CA ASN A 378 -5.91 19.50 21.73
C ASN A 378 -5.81 20.67 22.72
N LEU A 379 -6.05 21.89 22.23
CA LEU A 379 -5.96 23.11 23.04
C LEU A 379 -7.13 23.42 23.96
N TYR A 380 -6.79 23.98 25.12
CA TYR A 380 -7.76 24.39 26.13
C TYR A 380 -7.36 25.79 26.58
N GLN A 381 -8.32 26.70 26.63
CA GLN A 381 -8.07 28.06 27.10
C GLN A 381 -8.90 28.23 28.36
N HIS A 382 -8.21 28.36 29.49
CA HIS A 382 -8.87 28.50 30.78
C HIS A 382 -9.84 27.35 30.97
N ASP A 383 -9.31 26.14 30.82
CA ASP A 383 -10.04 24.88 30.97
C ASP A 383 -11.19 24.59 30.01
N THR A 384 -11.37 25.44 29.00
CA THR A 384 -12.41 25.24 28.00
C THR A 384 -11.74 24.70 26.73
N ASN A 385 -12.31 23.65 26.16
CA ASN A 385 -11.76 23.05 24.95
C ASN A 385 -11.98 23.97 23.75
N LEU A 386 -10.89 24.31 23.06
CA LEU A 386 -10.95 25.15 21.87
C LEU A 386 -11.32 24.31 20.64
N THR A 387 -11.98 24.93 19.67
CA THR A 387 -12.38 24.23 18.46
C THR A 387 -12.20 25.07 17.20
N CYS A 388 -12.23 24.42 16.05
CA CYS A 388 -12.12 25.08 14.75
C CYS A 388 -13.00 24.29 13.77
N LYS A 389 -13.25 24.85 12.59
CA LYS A 389 -14.08 24.20 11.59
C LYS A 389 -13.31 23.15 10.79
N GLN A 390 -13.95 21.99 10.59
CA GLN A 390 -13.36 20.89 9.84
C GLN A 390 -13.46 21.19 8.35
N TYR A 391 -12.45 20.77 7.59
CA TYR A 391 -12.41 21.00 6.15
C TYR A 391 -12.90 19.81 5.34
N ASP A 392 -13.45 20.11 4.16
CA ASP A 392 -13.91 19.09 3.23
C ASP A 392 -13.10 19.35 1.95
N TYR A 393 -13.01 18.35 1.07
CA TYR A 393 -12.22 18.45 -0.16
C TYR A 393 -12.95 17.78 -1.33
N ASN A 394 -13.16 18.54 -2.41
CA ASN A 394 -13.86 18.03 -3.60
C ASN A 394 -13.24 18.61 -4.87
N PHE A 395 -13.29 17.85 -5.95
CA PHE A 395 -12.74 18.31 -7.23
C PHE A 395 -13.75 19.12 -8.03
N SER A 396 -13.26 20.22 -8.61
CA SER A 396 -14.05 21.08 -9.47
C SER A 396 -13.21 21.02 -10.73
N GLY A 397 -13.49 20.03 -11.57
CA GLY A 397 -12.69 19.85 -12.77
C GLY A 397 -11.39 19.23 -12.28
N ASN A 398 -10.25 19.81 -12.66
CA ASN A 398 -8.95 19.30 -12.25
C ASN A 398 -8.44 19.96 -10.96
N ASN A 399 -9.19 20.94 -10.44
CA ASN A 399 -8.80 21.65 -9.23
C ASN A 399 -9.42 21.06 -7.97
N LEU A 400 -8.61 20.86 -6.92
CA LEU A 400 -9.07 20.30 -5.65
C LEU A 400 -9.44 21.45 -4.71
N ILE A 401 -10.72 21.57 -4.39
CA ILE A 401 -11.18 22.63 -3.50
C ILE A 401 -11.27 22.16 -2.05
N GLU A 402 -10.49 22.80 -1.18
CA GLU A 402 -10.49 22.47 0.24
C GLU A 402 -11.22 23.62 0.96
N SER A 403 -12.44 23.35 1.42
CA SER A 403 -13.23 24.39 2.08
C SER A 403 -13.75 24.00 3.46
N LYS A 404 -13.86 24.99 4.34
CA LYS A 404 -14.37 24.77 5.68
C LYS A 404 -15.84 24.41 5.64
N THR A 405 -16.25 23.55 6.57
CA THR A 405 -17.64 23.14 6.66
C THR A 405 -18.20 23.83 7.92
N ASP A 406 -19.29 23.31 8.49
CA ASP A 406 -19.83 23.92 9.69
C ASP A 406 -19.58 23.00 10.89
N VAL A 407 -18.87 21.91 10.65
CA VAL A 407 -18.54 20.93 11.69
C VAL A 407 -17.39 21.39 12.58
N ASP A 408 -17.64 21.42 13.88
CA ASP A 408 -16.63 21.83 14.86
C ASP A 408 -15.85 20.61 15.36
N VAL A 409 -14.52 20.75 15.39
CA VAL A 409 -13.66 19.68 15.90
C VAL A 409 -12.70 20.35 16.87
N ASN A 410 -12.11 19.56 17.77
CA ASN A 410 -11.16 20.11 18.75
C ASN A 410 -9.91 20.65 18.05
N MET A 411 -9.51 21.85 18.45
CA MET A 411 -8.34 22.52 17.91
C MET A 411 -7.08 21.83 18.40
N ASN A 412 -6.31 21.27 17.47
CA ASN A 412 -5.08 20.55 17.79
C ASN A 412 -3.87 21.36 17.35
N ILE A 413 -2.77 21.27 18.11
CA ILE A 413 -1.55 22.02 17.79
C ILE A 413 -0.95 21.72 16.42
N PHE A 414 -1.40 20.65 15.78
CA PHE A 414 -0.87 20.27 14.48
C PHE A 414 -1.75 20.70 13.30
N TYR A 415 -2.82 21.44 13.58
CA TYR A 415 -3.75 21.89 12.54
C TYR A 415 -3.35 23.28 12.01
N LYS A 416 -3.70 23.57 10.76
CA LYS A 416 -3.33 24.85 10.18
C LYS A 416 -4.07 26.04 10.77
N ASN A 417 -5.28 25.83 11.28
CA ASN A 417 -6.05 26.92 11.86
C ASN A 417 -6.00 27.01 13.39
N SER A 418 -4.99 26.39 13.99
CA SER A 418 -4.84 26.43 15.44
C SER A 418 -4.21 27.75 15.87
N VAL A 419 -4.60 28.23 17.05
CA VAL A 419 -4.06 29.48 17.57
C VAL A 419 -2.62 29.34 18.02
N PHE A 420 -2.20 28.10 18.32
CA PHE A 420 -0.85 27.76 18.75
C PHE A 420 -0.40 26.64 17.80
N LYS A 421 0.61 26.90 17.00
CA LYS A 421 1.07 25.92 16.02
C LYS A 421 2.43 25.29 16.27
N ALA A 422 2.52 23.97 16.09
CA ALA A 422 3.77 23.25 16.28
C ALA A 422 4.74 23.53 15.13
N PHE A 423 6.03 23.33 15.39
CA PHE A 423 7.07 23.55 14.37
C PHE A 423 6.82 22.55 13.23
N PRO A 424 6.84 23.02 11.97
CA PRO A 424 6.61 22.21 10.76
C PRO A 424 7.63 21.17 10.28
N THR A 425 8.12 20.35 11.21
CA THR A 425 9.03 19.25 10.86
C THR A 425 8.20 17.99 11.17
N ASN A 426 8.73 16.79 10.96
CA ASN A 426 7.95 15.59 11.27
C ASN A 426 8.26 15.13 12.69
N TYR A 427 7.31 14.39 13.29
CA TYR A 427 7.49 13.88 14.64
C TYR A 427 7.29 12.36 14.64
N LEU A 428 7.67 11.74 15.75
CA LEU A 428 7.51 10.30 15.90
C LEU A 428 6.50 10.13 17.03
N ALA A 429 5.38 9.47 16.72
CA ALA A 429 4.32 9.26 17.71
C ALA A 429 4.11 7.79 18.02
N MET A 430 3.52 7.52 19.18
CA MET A 430 3.23 6.15 19.56
C MET A 430 2.16 6.11 20.64
N ARG A 431 1.48 4.97 20.70
CA ARG A 431 0.45 4.70 21.71
C ARG A 431 0.68 3.24 22.06
N TYR A 432 0.39 2.85 23.30
CA TYR A 432 0.53 1.47 23.70
C TYR A 432 -0.83 0.90 24.10
N SER A 433 -0.94 -0.42 24.11
CA SER A 433 -2.18 -1.10 24.47
C SER A 433 -1.86 -2.37 25.24
N ASP A 434 -2.59 -2.59 26.34
CA ASP A 434 -2.43 -3.76 27.17
C ASP A 434 -3.60 -4.74 26.99
N ASP A 435 -4.52 -4.40 26.08
CA ASP A 435 -5.65 -5.27 25.83
C ASP A 435 -5.86 -5.57 24.35
N GLU A 436 -4.77 -5.66 23.61
CA GLU A 436 -4.78 -5.98 22.18
C GLU A 436 -5.63 -5.05 21.29
N GLY A 437 -5.59 -3.76 21.58
CA GLY A 437 -6.32 -2.81 20.77
C GLY A 437 -7.72 -2.40 21.19
N ALA A 438 -8.21 -2.94 22.30
CA ALA A 438 -9.53 -2.53 22.80
C ALA A 438 -9.46 -1.07 23.26
N SER A 439 -8.29 -0.67 23.78
CA SER A 439 -8.07 0.71 24.22
C SER A 439 -6.58 1.03 24.07
N TRP A 440 -6.27 2.29 23.78
CA TRP A 440 -4.88 2.74 23.62
C TRP A 440 -4.58 3.92 24.54
N SER A 441 -3.31 4.06 24.91
CA SER A 441 -2.85 5.13 25.79
C SER A 441 -2.83 6.49 25.08
N ASP A 442 -2.58 7.55 25.84
CA ASP A 442 -2.49 8.91 25.31
C ASP A 442 -1.36 9.01 24.28
N LEU A 443 -1.38 10.08 23.49
CA LEU A 443 -0.38 10.32 22.45
C LEU A 443 1.01 10.63 23.04
N ASP A 444 1.98 9.78 22.74
CA ASP A 444 3.36 9.96 23.22
C ASP A 444 4.28 10.32 22.06
N ILE A 445 4.72 11.58 22.01
CA ILE A 445 5.63 12.02 20.95
C ILE A 445 7.05 11.73 21.48
N VAL A 446 7.67 10.69 20.96
CA VAL A 446 9.00 10.28 21.42
C VAL A 446 10.21 10.92 20.73
N SER A 447 9.98 11.79 19.75
CA SER A 447 11.09 12.40 19.01
C SER A 447 11.80 13.62 19.61
N SER A 448 11.90 13.71 20.93
CA SER A 448 12.58 14.86 21.53
C SER A 448 14.08 14.77 21.19
N PHE A 449 14.52 13.58 20.82
CA PHE A 449 15.90 13.32 20.45
C PHE A 449 16.24 13.63 18.98
N LYS A 450 15.25 14.11 18.21
CA LYS A 450 15.47 14.42 16.79
C LYS A 450 16.57 15.47 16.63
N PRO A 451 17.68 15.12 15.93
CA PRO A 451 18.77 16.07 15.75
C PRO A 451 18.30 17.42 15.18
N GLU A 452 18.77 18.49 15.79
CA GLU A 452 18.41 19.83 15.38
C GLU A 452 18.87 20.13 13.96
N VAL A 453 19.80 19.33 13.46
CA VAL A 453 20.33 19.49 12.11
C VAL A 453 19.60 18.58 11.08
N SER A 454 18.63 17.80 11.53
CA SER A 454 17.91 16.90 10.63
C SER A 454 16.69 17.53 9.96
N LYS A 455 16.43 17.09 8.72
CA LYS A 455 15.27 17.57 7.97
C LYS A 455 14.08 16.70 8.42
N PHE A 456 14.26 15.39 8.37
CA PHE A 456 13.22 14.44 8.79
C PHE A 456 13.87 13.23 9.46
N LEU A 457 13.17 12.65 10.42
CA LEU A 457 13.63 11.45 11.12
C LEU A 457 12.34 10.65 11.23
N VAL A 458 12.23 9.62 10.40
CA VAL A 458 11.03 8.81 10.30
C VAL A 458 11.30 7.32 10.51
N VAL A 459 10.22 6.55 10.62
CA VAL A 459 10.33 5.10 10.86
C VAL A 459 10.46 4.26 9.58
N GLY A 460 11.00 3.06 9.76
CA GLY A 460 11.09 2.09 8.68
C GLY A 460 9.83 1.25 8.94
N PRO A 461 8.76 1.43 8.14
CA PRO A 461 7.51 0.66 8.33
C PRO A 461 7.62 -0.86 8.32
N GLY A 462 6.76 -1.49 9.13
CA GLY A 462 6.76 -2.94 9.26
C GLY A 462 6.59 -3.24 10.75
N ILE A 463 7.54 -3.96 11.34
CA ILE A 463 7.50 -4.32 12.76
C ILE A 463 8.83 -3.97 13.43
N GLY A 464 8.79 -3.91 14.76
CA GLY A 464 9.98 -3.63 15.55
C GLY A 464 10.54 -4.98 16.01
N LYS A 465 11.52 -4.95 16.92
CA LYS A 465 12.14 -6.17 17.40
C LYS A 465 12.58 -6.09 18.88
N GLN A 466 12.31 -7.15 19.64
CA GLN A 466 12.73 -7.23 21.04
C GLN A 466 13.78 -8.34 21.14
N ILE A 467 14.95 -8.02 21.70
CA ILE A 467 16.03 -8.99 21.85
C ILE A 467 15.61 -10.05 22.86
N SER A 468 15.71 -11.32 22.46
CA SER A 468 15.30 -12.43 23.31
C SER A 468 16.40 -13.02 24.19
N THR A 469 17.66 -12.80 23.82
CA THR A 469 18.73 -13.39 24.61
C THR A 469 20.00 -12.54 24.67
N GLY A 470 20.89 -12.92 25.57
CA GLY A 470 22.14 -12.21 25.74
C GLY A 470 22.05 -11.13 26.80
N GLU A 471 23.10 -10.32 26.89
CA GLU A 471 23.20 -9.22 27.85
C GLU A 471 22.12 -8.17 27.73
N ASN A 472 21.60 -7.96 26.52
CA ASN A 472 20.56 -6.97 26.30
C ASN A 472 19.16 -7.57 26.10
N ALA A 473 18.96 -8.78 26.60
CA ALA A 473 17.68 -9.45 26.50
C ALA A 473 16.61 -8.52 27.10
N GLY A 474 15.53 -8.32 26.35
CA GLY A 474 14.46 -7.46 26.81
C GLY A 474 14.38 -6.10 26.12
N ARG A 475 15.50 -5.66 25.54
CA ARG A 475 15.54 -4.36 24.85
C ARG A 475 14.61 -4.32 23.63
N LEU A 476 13.88 -3.22 23.50
CA LEU A 476 12.93 -2.99 22.40
C LEU A 476 13.63 -2.11 21.36
N LEU A 477 13.45 -2.43 20.06
CA LEU A 477 14.06 -1.64 18.98
C LEU A 477 13.13 -1.35 17.80
N VAL A 478 13.24 -0.13 17.29
CA VAL A 478 12.45 0.34 16.14
C VAL A 478 13.40 0.99 15.13
N PRO A 479 13.38 0.53 13.87
CA PRO A 479 14.24 1.09 12.82
C PRO A 479 13.77 2.48 12.37
N LEU A 480 14.73 3.35 12.08
CA LEU A 480 14.49 4.73 11.64
C LEU A 480 15.43 5.09 10.49
N TYR A 481 15.14 6.19 9.80
CA TYR A 481 16.03 6.67 8.76
C TYR A 481 15.83 8.17 8.65
N SER A 482 16.83 8.87 8.11
CA SER A 482 16.74 10.32 8.04
C SER A 482 17.66 11.02 7.04
N LYS A 483 17.42 12.33 6.95
CA LYS A 483 18.21 13.24 6.16
C LYS A 483 18.83 14.10 7.26
N SER A 484 20.07 13.77 7.62
CA SER A 484 20.80 14.50 8.66
C SER A 484 22.23 13.97 8.73
N SER A 485 22.80 13.88 9.93
CA SER A 485 24.14 13.36 10.13
C SER A 485 24.24 11.87 9.82
N ALA A 486 23.10 11.20 9.88
CA ALA A 486 23.04 9.77 9.59
C ALA A 486 21.83 9.47 8.72
N GLU A 487 21.86 8.33 8.03
CA GLU A 487 20.75 7.90 7.20
C GLU A 487 20.00 6.85 8.04
N LEU A 488 20.55 5.65 8.18
CA LEU A 488 19.94 4.60 8.99
C LEU A 488 20.11 4.96 10.49
N GLY A 489 19.07 4.71 11.27
CA GLY A 489 19.09 5.00 12.69
C GLY A 489 18.15 4.04 13.40
N PHE A 490 18.17 4.08 14.73
CA PHE A 490 17.29 3.21 15.53
C PHE A 490 16.96 3.90 16.84
N MET A 491 15.85 3.52 17.45
CA MET A 491 15.51 4.05 18.76
C MET A 491 15.26 2.78 19.60
N TYR A 492 15.79 2.74 20.81
CA TYR A 492 15.64 1.57 21.66
C TYR A 492 15.20 1.92 23.08
N SER A 493 14.67 0.93 23.78
CA SER A 493 14.19 1.14 25.15
C SER A 493 14.54 -0.04 26.03
N ASP A 494 15.09 0.27 27.20
CA ASP A 494 15.46 -0.75 28.17
C ASP A 494 14.48 -0.84 29.33
N ASP A 495 13.51 0.06 29.36
CA ASP A 495 12.52 0.05 30.43
C ASP A 495 11.11 -0.25 29.91
N HIS A 496 11.05 -1.22 28.99
CA HIS A 496 9.80 -1.71 28.41
C HIS A 496 8.91 -0.67 27.73
N GLY A 497 9.54 0.27 27.05
CA GLY A 497 8.80 1.28 26.32
C GLY A 497 8.57 2.63 26.98
N ASP A 498 8.90 2.78 28.25
CA ASP A 498 8.71 4.06 28.93
C ASP A 498 9.57 5.19 28.37
N ASN A 499 10.82 4.89 28.04
CA ASN A 499 11.75 5.89 27.50
C ASN A 499 12.53 5.33 26.32
N TRP A 500 12.88 6.19 25.38
CA TRP A 500 13.61 5.77 24.19
C TRP A 500 14.89 6.55 23.93
N THR A 501 15.90 5.84 23.42
CA THR A 501 17.21 6.43 23.09
C THR A 501 17.49 6.26 21.59
N TYR A 502 17.92 7.35 20.94
CA TYR A 502 18.24 7.36 19.51
C TYR A 502 19.70 6.95 19.25
N VAL A 503 19.92 6.19 18.18
CA VAL A 503 21.25 5.73 17.78
C VAL A 503 21.46 5.97 16.28
N GLU A 504 22.57 6.61 15.92
CA GLU A 504 22.91 6.86 14.52
C GLU A 504 23.74 5.65 14.08
N ALA A 505 23.30 4.98 13.02
CA ALA A 505 23.97 3.78 12.54
C ALA A 505 25.04 4.01 11.46
N ASP A 506 25.11 5.23 10.94
CA ASP A 506 26.12 5.57 9.93
C ASP A 506 26.36 7.07 9.92
N ASN A 507 27.24 7.53 9.04
CA ASN A 507 27.55 8.96 8.93
C ASN A 507 27.17 9.52 7.55
N LEU A 508 26.21 8.89 6.89
CA LEU A 508 25.75 9.31 5.57
C LEU A 508 24.76 10.47 5.69
N THR A 509 25.02 11.54 4.95
CA THR A 509 24.20 12.74 5.00
C THR A 509 23.28 12.96 3.81
N GLY A 510 23.18 11.98 2.92
CA GLY A 510 22.35 12.12 1.73
C GLY A 510 20.85 12.06 1.84
N GLY A 511 20.33 11.53 2.95
CA GLY A 511 18.89 11.43 3.11
C GLY A 511 18.21 10.44 2.20
N ALA A 512 18.93 9.42 1.73
CA ALA A 512 18.34 8.40 0.88
C ALA A 512 17.31 7.63 1.73
N THR A 513 16.40 6.90 1.08
CA THR A 513 15.36 6.15 1.78
C THR A 513 15.82 4.80 2.33
N ALA A 514 16.42 4.82 3.52
CA ALA A 514 16.94 3.62 4.16
C ALA A 514 15.96 2.88 5.08
N GLU A 515 14.78 2.53 4.55
CA GLU A 515 13.80 1.79 5.32
C GLU A 515 14.42 0.42 5.62
N ALA A 516 14.32 0.00 6.88
CA ALA A 516 14.91 -1.26 7.32
C ALA A 516 14.02 -2.06 8.25
N GLN A 517 14.36 -3.33 8.41
CA GLN A 517 13.66 -4.28 9.29
C GLN A 517 14.77 -5.08 9.98
N ILE A 518 14.51 -5.49 11.22
CA ILE A 518 15.50 -6.16 12.07
C ILE A 518 15.26 -7.63 12.39
N VAL A 519 16.34 -8.41 12.35
CA VAL A 519 16.24 -9.83 12.66
C VAL A 519 17.35 -10.21 13.69
N GLU A 520 17.03 -11.10 14.64
CA GLU A 520 17.98 -11.50 15.68
C GLU A 520 18.66 -12.83 15.37
N MET A 521 19.95 -12.91 15.70
CA MET A 521 20.74 -14.12 15.51
C MET A 521 20.64 -14.99 16.77
N PRO A 522 21.02 -16.28 16.69
CA PRO A 522 20.96 -17.19 17.83
C PRO A 522 21.51 -16.69 19.17
N ASP A 523 22.66 -16.02 19.15
CA ASP A 523 23.28 -15.52 20.40
C ASP A 523 22.79 -14.15 20.86
N GLY A 524 21.81 -13.61 20.15
CA GLY A 524 21.29 -12.31 20.52
C GLY A 524 21.80 -11.14 19.69
N SER A 525 22.82 -11.36 18.85
CA SER A 525 23.33 -10.27 18.00
C SER A 525 22.24 -9.96 16.98
N LEU A 526 22.36 -8.86 16.26
CA LEU A 526 21.32 -8.45 15.31
C LEU A 526 21.83 -8.16 13.90
N LYS A 527 21.02 -8.51 12.92
CA LYS A 527 21.33 -8.21 11.52
C LYS A 527 20.14 -7.40 11.00
N THR A 528 20.42 -6.22 10.44
CA THR A 528 19.38 -5.36 9.88
C THR A 528 19.52 -5.31 8.34
N TYR A 529 18.40 -5.50 7.63
CA TYR A 529 18.38 -5.46 6.16
C TYR A 529 17.65 -4.17 5.75
N LEU A 530 18.18 -3.47 4.76
CA LEU A 530 17.59 -2.20 4.36
C LEU A 530 17.58 -1.86 2.88
N ARG A 531 16.62 -1.02 2.52
CA ARG A 531 16.49 -0.50 1.17
C ARG A 531 17.58 0.58 1.08
N THR A 532 18.11 0.81 -0.13
CA THR A 532 19.11 1.84 -0.32
C THR A 532 18.77 2.55 -1.64
N GLY A 533 19.57 3.57 -1.97
CA GLY A 533 19.37 4.30 -3.21
C GLY A 533 20.23 3.70 -4.32
N SER A 534 20.84 2.55 -4.02
CA SER A 534 21.69 1.85 -4.97
C SER A 534 20.93 0.62 -5.47
N ASN A 535 21.53 -0.13 -6.38
CA ASN A 535 20.86 -1.31 -6.91
C ASN A 535 20.94 -2.56 -6.08
N CYS A 536 20.88 -2.42 -4.76
CA CYS A 536 20.91 -3.61 -3.89
C CYS A 536 20.36 -3.34 -2.49
N ILE A 537 20.03 -4.42 -1.79
CA ILE A 537 19.58 -4.36 -0.42
C ILE A 537 20.82 -4.48 0.39
N ALA A 538 20.97 -3.70 1.45
CA ALA A 538 22.15 -3.74 2.32
C ALA A 538 21.93 -4.45 3.67
N GLU A 539 23.04 -4.96 4.23
CA GLU A 539 23.03 -5.65 5.52
C GLU A 539 24.04 -5.00 6.45
N VAL A 540 23.63 -4.81 7.71
CA VAL A 540 24.49 -4.25 8.76
C VAL A 540 24.29 -5.13 10.00
N THR A 541 25.34 -5.28 10.80
CA THR A 541 25.31 -6.14 11.99
C THR A 541 25.71 -5.38 13.26
N SER A 542 25.12 -5.78 14.38
CA SER A 542 25.41 -5.19 15.70
C SER A 542 25.64 -6.32 16.71
N ILE A 543 26.67 -6.15 17.52
CA ILE A 543 27.03 -7.13 18.55
C ILE A 543 26.83 -6.52 19.94
N ASP A 544 26.33 -5.30 19.99
CA ASP A 544 26.12 -4.65 21.27
C ASP A 544 24.68 -4.15 21.48
N GLY A 545 23.73 -4.97 21.07
CA GLY A 545 22.33 -4.63 21.25
C GLY A 545 21.83 -3.43 20.46
N GLY A 546 22.41 -3.20 19.29
CA GLY A 546 21.98 -2.09 18.46
C GLY A 546 22.60 -0.74 18.73
N GLU A 547 23.61 -0.68 19.59
CA GLU A 547 24.27 0.58 19.91
C GLU A 547 25.28 1.01 18.85
N THR A 548 25.92 0.04 18.20
CA THR A 548 26.86 0.33 17.12
C THR A 548 26.57 -0.68 16.02
N TRP A 549 26.80 -0.28 14.78
CA TRP A 549 26.53 -1.12 13.60
C TRP A 549 27.69 -1.13 12.62
N SER A 550 27.89 -2.25 11.95
CA SER A 550 28.96 -2.37 10.96
C SER A 550 28.61 -1.63 9.66
N ASP A 551 29.57 -1.48 8.77
CA ASP A 551 29.34 -0.79 7.49
C ASP A 551 28.43 -1.64 6.61
N ARG A 552 27.73 -1.00 5.69
CA ARG A 552 26.82 -1.71 4.79
C ARG A 552 27.53 -2.68 3.84
N VAL A 553 26.92 -3.85 3.68
CA VAL A 553 27.40 -4.89 2.78
C VAL A 553 26.20 -5.26 1.90
N PRO A 554 26.37 -5.30 0.57
CA PRO A 554 25.24 -5.66 -0.29
C PRO A 554 24.77 -7.08 -0.06
N LEU A 555 23.46 -7.30 -0.14
CA LEU A 555 22.88 -8.61 0.01
C LEU A 555 22.99 -9.24 -1.39
N GLN A 556 24.01 -10.07 -1.56
CA GLN A 556 24.34 -10.73 -2.82
C GLN A 556 23.28 -11.72 -3.33
N GLY A 557 22.89 -11.57 -4.58
CA GLY A 557 21.93 -12.49 -5.17
C GLY A 557 20.46 -12.13 -5.17
N ILE A 558 20.05 -11.08 -4.45
CA ILE A 558 18.65 -10.66 -4.40
C ILE A 558 18.53 -9.30 -5.10
N SER A 559 18.05 -9.34 -6.35
CA SER A 559 17.90 -8.16 -7.20
C SER A 559 16.83 -7.16 -6.79
N THR A 560 17.06 -5.91 -7.16
CA THR A 560 16.13 -4.83 -6.87
C THR A 560 16.35 -3.66 -7.82
N THR A 561 15.57 -2.61 -7.62
CA THR A 561 15.63 -1.39 -8.42
C THR A 561 16.61 -0.39 -7.80
N SER A 562 16.91 0.68 -8.52
CA SER A 562 17.81 1.72 -8.03
C SER A 562 17.11 2.51 -6.91
N TYR A 563 15.88 2.95 -7.17
CA TYR A 563 15.10 3.68 -6.18
C TYR A 563 14.73 2.82 -4.97
N GLY A 564 14.55 1.51 -5.22
CA GLY A 564 14.22 0.56 -4.18
C GLY A 564 12.79 0.49 -3.72
N THR A 565 12.53 -0.48 -2.83
CA THR A 565 11.22 -0.71 -2.24
C THR A 565 11.44 -1.26 -0.81
N GLN A 566 10.52 -0.93 0.09
CA GLN A 566 10.57 -1.41 1.47
C GLN A 566 10.57 -2.94 1.42
N LEU A 567 11.14 -3.56 2.44
CA LEU A 567 11.19 -5.03 2.52
C LEU A 567 10.69 -5.50 3.87
N SER A 568 10.46 -6.80 3.98
CA SER A 568 10.04 -7.39 5.24
C SER A 568 10.96 -8.59 5.46
N VAL A 569 11.56 -8.66 6.65
CA VAL A 569 12.42 -9.78 7.00
C VAL A 569 12.09 -10.11 8.46
N ILE A 570 11.81 -11.39 8.71
CA ILE A 570 11.43 -11.86 10.04
C ILE A 570 12.13 -13.14 10.45
N ASN A 571 12.12 -13.41 11.75
CA ASN A 571 12.70 -14.62 12.32
C ASN A 571 11.59 -15.67 12.24
N TYR A 572 11.96 -16.93 12.07
CA TYR A 572 10.98 -18.01 12.06
C TYR A 572 11.33 -18.82 13.32
N SER A 573 10.31 -19.22 14.09
CA SER A 573 10.55 -19.92 15.36
C SER A 573 11.14 -21.33 15.29
N GLN A 574 10.86 -22.06 14.23
CA GLN A 574 11.39 -23.42 14.10
C GLN A 574 12.47 -23.49 13.03
N PRO A 575 13.40 -24.45 13.15
CA PRO A 575 14.46 -24.56 12.15
C PRO A 575 13.95 -25.10 10.80
N ILE A 576 14.60 -24.70 9.72
CA ILE A 576 14.25 -25.16 8.37
C ILE A 576 15.53 -25.84 7.88
N ASP A 577 15.40 -27.07 7.40
CA ASP A 577 16.54 -27.87 6.97
C ASP A 577 17.51 -27.98 8.17
N GLY A 578 16.95 -27.97 9.38
CA GLY A 578 17.76 -28.08 10.59
C GLY A 578 18.56 -26.87 11.06
N LYS A 579 18.32 -25.70 10.46
CA LYS A 579 19.06 -24.52 10.83
C LYS A 579 18.16 -23.34 11.16
N PRO A 580 18.66 -22.36 11.96
CA PRO A 580 17.86 -21.20 12.30
C PRO A 580 17.52 -20.53 10.95
N ALA A 581 16.30 -20.05 10.78
CA ALA A 581 15.91 -19.45 9.51
C ALA A 581 15.28 -18.09 9.63
N ILE A 582 15.47 -17.26 8.61
CA ILE A 582 14.86 -15.93 8.55
C ILE A 582 14.16 -15.90 7.18
N ILE A 583 13.08 -15.12 7.07
CA ILE A 583 12.30 -15.06 5.83
C ILE A 583 12.19 -13.62 5.33
N LEU A 584 12.43 -13.43 4.02
CA LEU A 584 12.39 -12.09 3.43
C LEU A 584 11.43 -11.95 2.24
N SER A 585 10.75 -10.80 2.17
CA SER A 585 9.80 -10.52 1.10
C SER A 585 10.15 -9.20 0.45
N SER A 586 10.09 -9.16 -0.89
CA SER A 586 10.41 -7.96 -1.65
C SER A 586 10.21 -8.19 -3.17
N PRO A 587 9.90 -7.10 -3.91
CA PRO A 587 9.74 -7.28 -5.37
C PRO A 587 11.16 -7.54 -5.89
N ASN A 588 11.28 -8.44 -6.87
CA ASN A 588 12.56 -8.87 -7.43
C ASN A 588 12.99 -8.26 -8.78
N ALA A 589 12.11 -7.47 -9.40
CA ALA A 589 12.46 -6.85 -10.68
C ALA A 589 13.50 -5.74 -10.54
N THR A 590 14.30 -5.53 -11.59
CA THR A 590 15.32 -4.48 -11.56
C THR A 590 14.80 -3.14 -12.04
N ASN A 591 13.54 -3.13 -12.49
CA ASN A 591 12.83 -1.92 -12.90
C ASN A 591 11.33 -2.16 -12.73
N GLY A 592 10.70 -1.30 -11.95
CA GLY A 592 9.28 -1.43 -11.66
C GLY A 592 9.14 -2.27 -10.41
N ARG A 593 8.09 -2.04 -9.63
CA ARG A 593 7.87 -2.83 -8.42
C ARG A 593 6.98 -3.99 -8.83
N LYS A 594 7.61 -5.11 -9.17
CA LYS A 594 6.91 -6.29 -9.64
C LYS A 594 7.72 -7.56 -9.40
N ASN A 595 7.10 -8.71 -9.63
CA ASN A 595 7.72 -10.02 -9.43
C ASN A 595 8.14 -10.21 -7.96
N GLY A 596 7.15 -10.13 -7.07
CA GLY A 596 7.40 -10.31 -5.65
C GLY A 596 7.81 -11.73 -5.33
N LYS A 597 8.76 -11.87 -4.42
CA LYS A 597 9.25 -13.19 -4.03
C LYS A 597 9.50 -13.27 -2.52
N ILE A 598 9.32 -14.47 -1.98
CA ILE A 598 9.57 -14.76 -0.56
C ILE A 598 10.80 -15.68 -0.53
N TRP A 599 11.84 -15.25 0.17
CA TRP A 599 13.08 -15.98 0.29
C TRP A 599 13.25 -16.56 1.70
N ILE A 600 13.90 -17.72 1.78
CA ILE A 600 14.19 -18.35 3.06
C ILE A 600 15.71 -18.38 3.19
N GLY A 601 16.22 -17.73 4.23
CA GLY A 601 17.65 -17.70 4.48
C GLY A 601 18.02 -18.49 5.71
N LEU A 602 18.99 -19.39 5.54
CA LEU A 602 19.45 -20.24 6.64
C LEU A 602 20.70 -19.68 7.29
N VAL A 603 20.68 -19.58 8.62
CA VAL A 603 21.78 -19.04 9.40
C VAL A 603 22.86 -20.07 9.68
N ASN A 604 24.09 -19.73 9.33
CA ASN A 604 25.23 -20.62 9.54
C ASN A 604 26.23 -19.90 10.43
N ASP A 605 26.86 -20.66 11.33
CA ASP A 605 27.89 -20.13 12.21
C ASP A 605 29.16 -20.36 11.38
N THR A 606 29.88 -19.29 11.05
CA THR A 606 31.08 -19.41 10.22
C THR A 606 32.30 -20.00 10.94
N GLY A 607 32.31 -19.89 12.27
CA GLY A 607 33.43 -20.40 13.03
C GLY A 607 34.23 -19.23 13.58
N ASN A 608 33.83 -18.02 13.19
CA ASN A 608 34.48 -16.79 13.62
C ASN A 608 33.68 -16.16 14.75
N THR A 609 34.13 -15.01 15.23
CA THR A 609 33.44 -14.32 16.32
C THR A 609 33.17 -12.85 15.97
N GLY A 610 32.24 -12.23 16.70
CA GLY A 610 31.90 -10.84 16.44
C GLY A 610 30.98 -10.67 15.25
N ILE A 611 31.15 -9.56 14.54
CA ILE A 611 30.38 -9.20 13.37
C ILE A 611 30.36 -10.26 12.28
N ASP A 612 31.44 -11.04 12.19
CA ASP A 612 31.52 -12.08 11.17
C ASP A 612 31.14 -13.48 11.66
N LYS A 613 30.53 -13.57 12.84
CA LYS A 613 30.13 -14.86 13.40
C LYS A 613 29.14 -15.63 12.54
N TYR A 614 28.09 -14.97 12.05
CA TYR A 614 27.08 -15.64 11.22
C TYR A 614 27.03 -15.20 9.77
N SER A 615 26.56 -16.11 8.92
CA SER A 615 26.41 -15.87 7.51
C SER A 615 25.04 -16.47 7.15
N VAL A 616 24.32 -15.82 6.24
CA VAL A 616 23.00 -16.32 5.83
C VAL A 616 23.01 -16.81 4.38
N GLU A 617 22.60 -18.06 4.19
CA GLU A 617 22.50 -18.69 2.87
C GLU A 617 21.04 -18.61 2.40
N TRP A 618 20.77 -17.73 1.42
CA TRP A 618 19.42 -17.56 0.86
C TRP A 618 19.18 -18.72 -0.12
N LYS A 619 18.81 -19.85 0.48
CA LYS A 619 18.61 -21.09 -0.24
C LYS A 619 17.33 -21.24 -1.07
N TYR A 620 16.24 -20.60 -0.67
CA TYR A 620 14.97 -20.72 -1.40
C TYR A 620 14.34 -19.41 -1.81
N SER A 621 13.68 -19.41 -2.97
CA SER A 621 12.96 -18.24 -3.45
C SER A 621 11.61 -18.73 -3.98
N TYR A 622 10.55 -18.01 -3.63
CA TYR A 622 9.20 -18.38 -4.03
C TYR A 622 8.57 -17.22 -4.78
N ALA A 623 8.17 -17.46 -6.03
CA ALA A 623 7.54 -16.43 -6.86
C ALA A 623 6.04 -16.43 -6.61
N VAL A 624 5.55 -15.28 -6.17
CA VAL A 624 4.16 -15.05 -5.83
C VAL A 624 3.18 -15.06 -7.02
N ASP A 625 3.63 -14.61 -8.18
CA ASP A 625 2.80 -14.55 -9.37
C ASP A 625 3.77 -14.54 -10.55
N THR A 626 3.32 -14.10 -11.73
CA THR A 626 4.18 -14.06 -12.90
C THR A 626 5.06 -12.79 -12.82
N PRO A 627 6.19 -12.76 -13.55
CA PRO A 627 7.16 -11.64 -13.57
C PRO A 627 6.69 -10.20 -13.73
N GLN A 628 5.62 -9.96 -14.48
CA GLN A 628 5.17 -8.58 -14.67
C GLN A 628 4.08 -8.11 -13.70
N MET A 629 3.59 -9.02 -12.85
CA MET A 629 2.55 -8.68 -11.88
C MET A 629 3.11 -7.82 -10.75
N GLY A 630 2.42 -6.72 -10.46
CA GLY A 630 2.86 -5.77 -9.45
C GLY A 630 2.97 -6.29 -8.03
N TYR A 631 3.94 -5.77 -7.30
CA TYR A 631 4.20 -6.19 -5.91
C TYR A 631 5.10 -5.13 -5.29
N SER A 632 4.61 -4.45 -4.27
CA SER A 632 5.39 -3.40 -3.62
C SER A 632 5.68 -3.63 -2.13
N TYR A 633 5.21 -2.75 -1.24
CA TYR A 633 5.46 -2.90 0.19
C TYR A 633 4.81 -4.18 0.75
N SER A 634 5.41 -4.77 1.78
CA SER A 634 4.89 -6.01 2.37
C SER A 634 5.27 -6.20 3.83
N CYS A 635 4.65 -7.17 4.50
CA CYS A 635 4.99 -7.52 5.88
C CYS A 635 4.61 -8.98 6.15
N LEU A 636 5.61 -9.76 6.53
CA LEU A 636 5.47 -11.19 6.83
C LEU A 636 5.22 -11.39 8.31
N ALA A 637 4.63 -12.53 8.66
CA ALA A 637 4.36 -12.88 10.05
C ALA A 637 4.18 -14.39 10.18
N GLU A 638 4.76 -14.98 11.22
CA GLU A 638 4.60 -16.41 11.41
C GLU A 638 3.29 -16.56 12.19
N LEU A 639 2.32 -17.25 11.59
CA LEU A 639 1.01 -17.46 12.21
C LEU A 639 1.09 -18.57 13.26
N PRO A 640 0.10 -18.65 14.17
CA PRO A 640 0.10 -19.70 15.20
C PRO A 640 0.26 -21.12 14.67
N ASP A 641 -0.27 -21.40 13.48
CA ASP A 641 -0.05 -22.73 12.89
C ASP A 641 1.35 -22.59 12.27
N GLY A 642 1.82 -23.54 11.50
CA GLY A 642 3.17 -23.30 10.96
C GLY A 642 3.32 -22.22 9.89
N GLN A 643 2.20 -21.81 9.29
CA GLN A 643 2.21 -20.85 8.18
C GLN A 643 2.83 -19.47 8.32
N VAL A 644 3.12 -18.89 7.14
CA VAL A 644 3.70 -17.57 7.02
C VAL A 644 2.67 -16.68 6.32
N GLY A 645 2.14 -15.71 7.07
CA GLY A 645 1.16 -14.76 6.55
C GLY A 645 1.87 -13.63 5.80
N LEU A 646 1.19 -13.07 4.80
CA LEU A 646 1.76 -12.00 3.99
C LEU A 646 0.68 -10.95 3.68
N LEU A 647 0.89 -9.73 4.14
CA LEU A 647 -0.03 -8.62 3.85
C LEU A 647 0.82 -7.75 2.92
N TYR A 648 0.40 -7.56 1.68
CA TYR A 648 1.21 -6.80 0.72
C TYR A 648 0.43 -5.99 -0.31
N GLU A 649 1.13 -5.06 -0.97
CA GLU A 649 0.55 -4.21 -2.00
C GLU A 649 0.67 -4.92 -3.35
N LYS A 650 -0.44 -5.39 -3.90
CA LYS A 650 -0.39 -6.11 -5.18
C LYS A 650 -0.55 -5.19 -6.41
N TYR A 651 0.38 -4.26 -6.55
CA TYR A 651 0.41 -3.32 -7.66
C TYR A 651 1.75 -2.61 -7.57
N ASP A 652 2.03 -1.72 -8.52
CA ASP A 652 3.29 -0.96 -8.50
C ASP A 652 3.02 0.41 -7.86
N SER A 653 3.35 0.55 -6.57
CA SER A 653 3.11 1.79 -5.83
C SER A 653 4.05 2.95 -6.13
N TRP A 654 5.00 2.73 -7.03
CA TRP A 654 5.94 3.77 -7.43
C TRP A 654 5.45 4.39 -8.74
N SER A 655 4.98 3.53 -9.63
CA SER A 655 4.46 3.91 -10.95
C SER A 655 3.47 5.06 -10.96
N ARG A 656 3.71 6.03 -11.84
CA ARG A 656 2.82 7.19 -11.99
C ARG A 656 1.58 6.78 -12.77
N ASN A 657 1.56 5.54 -13.24
CA ASN A 657 0.41 5.03 -13.99
C ASN A 657 -0.50 4.11 -13.16
N GLU A 658 -0.09 3.80 -11.94
CA GLU A 658 -0.90 2.91 -11.08
C GLU A 658 -1.33 3.55 -9.75
N LEU A 659 -1.45 4.87 -9.75
CA LEU A 659 -1.85 5.59 -8.55
C LEU A 659 -3.36 5.46 -8.36
N HIS A 660 -3.80 5.63 -7.11
CA HIS A 660 -5.22 5.64 -6.77
C HIS A 660 -6.05 4.43 -7.21
N LEU A 661 -5.56 3.25 -6.84
CA LEU A 661 -6.26 2.00 -7.15
C LEU A 661 -6.84 1.47 -5.84
N LYS A 662 -8.10 1.06 -5.88
CA LYS A 662 -8.75 0.51 -4.69
C LYS A 662 -8.57 -1.00 -4.59
N ASP A 663 -8.60 -1.49 -3.35
CA ASP A 663 -8.50 -2.91 -3.04
C ASP A 663 -7.29 -3.68 -3.61
N ILE A 664 -6.09 -3.17 -3.34
CA ILE A 664 -4.85 -3.79 -3.79
C ILE A 664 -4.01 -4.36 -2.62
N LEU A 665 -4.45 -4.12 -1.37
CA LEU A 665 -3.73 -4.62 -0.19
C LEU A 665 -4.28 -6.01 0.12
N LYS A 666 -3.51 -7.05 -0.18
CA LYS A 666 -3.99 -8.41 0.00
C LYS A 666 -3.29 -9.20 1.09
N PHE A 667 -4.03 -10.16 1.65
CA PHE A 667 -3.51 -11.04 2.69
C PHE A 667 -3.52 -12.47 2.17
N GLU A 668 -2.34 -13.10 2.18
CA GLU A 668 -2.18 -14.47 1.72
C GLU A 668 -1.37 -15.26 2.76
N LYS A 669 -1.50 -16.60 2.75
CA LYS A 669 -0.80 -17.47 3.69
C LYS A 669 -0.11 -18.60 2.95
N TYR A 670 1.10 -18.97 3.39
CA TYR A 670 1.88 -20.00 2.74
C TYR A 670 2.55 -20.92 3.75
N SER A 671 2.67 -22.20 3.40
CA SER A 671 3.32 -23.16 4.29
C SER A 671 4.81 -23.23 3.94
N ILE A 672 5.63 -23.69 4.87
CA ILE A 672 7.06 -23.79 4.61
C ILE A 672 7.25 -24.79 3.48
N SER A 673 6.35 -25.77 3.39
CA SER A 673 6.40 -26.78 2.34
C SER A 673 6.29 -26.09 0.97
N GLU A 674 5.33 -25.16 0.85
CA GLU A 674 5.13 -24.42 -0.39
C GLU A 674 6.35 -23.56 -0.68
N LEU A 675 6.75 -22.80 0.33
CA LEU A 675 7.90 -21.89 0.21
C LEU A 675 9.21 -22.56 -0.22
N THR A 676 9.42 -23.80 0.19
CA THR A 676 10.67 -24.49 -0.18
C THR A 676 10.53 -25.31 -1.46
N GLY A 677 9.53 -25.01 -2.27
CA GLY A 677 9.32 -25.72 -3.51
C GLY A 677 9.07 -27.20 -3.27
N GLN A 678 8.72 -27.52 -2.04
CA GLN A 678 8.44 -28.90 -1.64
C GLN A 678 6.97 -29.24 -1.90
N ALA A 679 6.29 -28.38 -2.67
CA ALA A 679 4.88 -28.50 -3.05
C ALA A 679 3.91 -28.11 -1.94
C1 DAN B . 7.29 4.59 -1.39
C2 DAN B . 7.28 5.35 -0.08
C3 DAN B . 6.32 5.10 0.85
C4 DAN B . 6.28 5.82 2.18
C5 DAN B . 7.03 7.17 2.05
C6 DAN B . 8.44 6.92 1.41
C7 DAN B . 9.26 8.22 1.18
C8 DAN B . 10.72 8.14 0.61
C9 DAN B . 11.01 7.07 -0.47
C10 DAN B . 6.99 9.05 3.73
C11 DAN B . 7.04 9.29 5.24
N5 DAN B . 7.09 7.74 3.40
O1A DAN B . 6.32 3.97 -1.80
O1B DAN B . 8.32 4.60 -2.07
O4 DAN B . 4.94 5.90 2.70
O6 DAN B . 8.28 6.25 0.15
O7 DAN B . 8.49 9.29 0.59
O8 DAN B . 11.41 9.37 0.35
O9 DAN B . 10.26 7.22 -1.68
O10 DAN B . 6.86 9.99 2.94
#